data_8GY7
#
_entry.id   8GY7
#
_cell.length_a   1.00
_cell.length_b   1.00
_cell.length_c   1.00
_cell.angle_alpha   90.00
_cell.angle_beta   90.00
_cell.angle_gamma   90.00
#
_symmetry.space_group_name_H-M   'P 1'
#
loop_
_entity.id
_entity.type
_entity.pdbx_description
1 polymer 'Guanine nucleotide-binding protein G(i) subunit alpha-3,Guanine nucleotide-binding protein G(s) subunit alpha isoforms XLas'
2 polymer 'Guanine nucleotide-binding protein G(I)/G(S)/G(T) subunit beta-1'
3 polymer 'Guanine nucleotide-binding protein G(I)/G(S)/G(O) subunit gamma-2'
4 polymer Corticotropin
5 polymer 'Melanocortin-2 receptor accessory protein'
6 polymer 'Soluble cytochrome b562,Adrenocorticotropic hormone receptor,melanocortin-2 receptor,Adrenocorticotropic hormone receptor,Adrenocorticotropic hormone receptor'
7 non-polymer 'CALCIUM ION'
#
loop_
_entity_poly.entity_id
_entity_poly.type
_entity_poly.pdbx_seq_one_letter_code
_entity_poly.pdbx_strand_id
1 'polypeptide(L)'
;MGCTLSAEDKAAVERSKMIEKQLQKDKQVYRATHRLLLLGADNSGKSTIVKQMRIYHVNGYSEEECKQYKAVVYSNTIQS
IIAIIRAMGRLKIDFGDSARADDARQLFVLAGAAEEGFMTAELAGVIKRLWKDSGVQACFNRSREYQLNDSAAYYLNDLD
RIAQPNYIPTQQDVLRTRVKTSGIFETKFQVDKVNFHMFDVGAQRDERRKWIQCFNDVTAIIFVVDSSDYNRLQEALNDF
KSIWNNRWLRTISVILFLNKQDLLAEKVLAGKSKIEDYFPEFARYTTPEDATPEPGEDPRVTRAKYFIRDEFLRISTASG
DGRHYCYPHFTCSVDTENARRIFNDCRDIIQRMHLRQYELL
;
A
2 'polypeptide(L)'
;MGSLLQSELDQLRQEAEQLKNQIRDARKACADATLSQITNNIDPVGRIQMRTRRTLRGHLAKIYAMHWGTDSRLLVSASQ
DGKLIIWDSYTTNKVHAIPLRSSWVMTCAYAPSGNYVACGGLDNICSIYNLKTREGNVRVSRELAGHTGYLSCCRFLDDN
QIVTSSGDTTCALWDIETGQQTTTFTGHTGDVMSLSLAPDTRLFVSGACDASAKLWDVREGMCRQTFTGHESDINAICFF
PNGNAFATGSDDATCRLFDLRADQELMTYSHDNIICGITSVSFSKSGRLLLAGYDDFNCNVWDALKADRAGVLAGHDNRV
SCLGVTDDGMAVATGSWDSFLKIWNGSSGGGGSGGGGSSGVSGWRLFKKIS
;
B
3 'polypeptide(L)' MASNNTASIAQARKLVEQLKMEANIDRIKVSKAAADLMAYCEAHAKEDPLLTPVPASENPFREKKFFCAIL G
4 'polypeptide(L)' SYSMEHFRWGKPVGKKRR M
5 'polypeptide(L)'
;MDYKDDDDKGSGMANGTNASAPYYSYEYYLDYLDLIPVDEKKLKAHKHSIVIAFWVSLAAFVVLLFLILLYMSWSASPQM
RNSPKHHQTCPWSHGLNLHLCIQKCLPCHREPLATSQAQASSVEPGSRTGPDQPLRQESSSTLPLGGFQTHPTLLWELTL
NGGPLVRSKPSEPPPGDRTSQLQS
;
P
6 'polypeptide(L)'
;MKTIIALSYIFCLVFAHHHHHHHHHHADLEDNWETLNDNLKVIEKADNAAQVKDALTKMRAAALDAQKATPPKLEDKSPD
SPEMKDFRHGFDILVGQIDDALKLANEGKVKEAQAAAEQLKTTRNAYIQKYLKHIINSYENINNTARNNSDCPRVVLPEE
IFFTISIVGVLENLIVLLAVFKNKNLQAPMYFFICSLAISDMLGSLYKILENILIILRNMGYLKPRGSFETTADDIIDSL
FVLSLLGSIFSLSVIAADRYITIFHALRYHSIVTMRRTVVVLTVIWTFCTGTGITMVIFSHHVPTVITFTSLFPLMLVFI
LCLYVHMFLLARSHTRKISTLPRANMKGAITLTILLGVFIFCWAPFVLHVLLMTFCPSNPYCACYMSLFQVNGMLIMCNA
VIDPFIYAFRSPELRDAFKKMIFCSRYWGSSGGGGSGGGGSSGVFTLEDFVGDWEQTAAYNLDQVLEQGGVSSLLQNLAV
SVTPIQRIVRSGENALKIDIHVIIPYEGLSADQMAQIEEVFKVVYPVDDHHFKVILPYGTLVIDGVTPNMLNYFGRPYEG
IAVFDGKKITVTGTLWNGNKIIDERLITPDGSMLFRVTINS
;
R
#
# COMPACT_ATOMS: atom_id res chain seq x y z
N CYS A 3 -2.39 5.41 34.15
CA CYS A 3 -2.78 6.21 35.35
C CYS A 3 -1.69 6.19 36.41
N THR A 4 -1.47 5.02 37.02
CA THR A 4 -0.45 4.85 38.04
C THR A 4 0.87 4.52 37.36
N LEU A 5 1.71 5.54 37.18
CA LEU A 5 2.99 5.40 36.51
C LEU A 5 4.11 5.86 37.43
N SER A 6 5.22 5.13 37.39
CA SER A 6 6.42 5.58 38.07
C SER A 6 7.04 6.75 37.31
N ALA A 7 7.93 7.46 38.00
CA ALA A 7 8.64 8.56 37.33
C ALA A 7 9.35 8.05 36.08
N GLU A 8 9.96 6.88 36.16
CA GLU A 8 10.60 6.30 34.99
C GLU A 8 9.58 6.00 33.90
N ASP A 9 8.44 5.42 34.27
CA ASP A 9 7.40 5.14 33.28
C ASP A 9 6.84 6.42 32.70
N LYS A 10 6.62 7.43 33.55
CA LYS A 10 6.13 8.71 33.06
C LYS A 10 7.09 9.30 32.04
N ALA A 11 8.39 9.27 32.34
CA ALA A 11 9.38 9.78 31.40
C ALA A 11 9.39 8.96 30.12
N ALA A 12 9.21 7.65 30.23
CA ALA A 12 9.20 6.80 29.04
C ALA A 12 8.06 7.18 28.11
N VAL A 13 6.84 7.30 28.66
CA VAL A 13 5.71 7.66 27.81
C VAL A 13 5.83 9.10 27.33
N GLU A 14 6.45 9.97 28.12
CA GLU A 14 6.66 11.34 27.67
C GLU A 14 7.59 11.37 26.47
N ARG A 15 8.67 10.59 26.51
CA ARG A 15 9.57 10.50 25.37
C ARG A 15 8.85 9.88 24.18
N SER A 16 8.00 8.88 24.44
CA SER A 16 7.21 8.29 23.37
C SER A 16 6.35 9.35 22.69
N LYS A 17 5.73 10.21 23.47
CA LYS A 17 4.86 11.25 22.90
C LYS A 17 5.69 12.28 22.12
N MET A 18 6.83 12.68 22.66
CA MET A 18 7.70 13.63 21.96
C MET A 18 8.15 13.06 20.63
N ILE A 19 8.56 11.79 20.61
CA ILE A 19 9.08 11.20 19.39
C ILE A 19 7.93 10.93 18.43
N GLU A 20 6.73 10.70 18.95
CA GLU A 20 5.54 10.62 18.11
C GLU A 20 5.27 11.95 17.42
N LYS A 21 5.45 13.06 18.16
CA LYS A 21 5.28 14.37 17.55
C LYS A 21 6.30 14.59 16.44
N GLN A 22 7.55 14.21 16.70
CA GLN A 22 8.57 14.36 15.67
C GLN A 22 8.27 13.46 14.48
N LEU A 23 7.74 12.26 14.72
CA LEU A 23 7.33 11.39 13.63
C LEU A 23 6.18 11.98 12.84
N GLN A 24 5.26 12.69 13.50
CA GLN A 24 4.18 13.35 12.79
C GLN A 24 4.70 14.47 11.90
N LYS A 25 5.65 15.25 12.41
CA LYS A 25 6.26 16.29 11.58
C LYS A 25 6.97 15.66 10.39
N ASP A 26 7.70 14.56 10.63
CA ASP A 26 8.36 13.86 9.53
C ASP A 26 7.34 13.28 8.56
N LYS A 27 6.18 12.87 9.05
CA LYS A 27 5.13 12.37 8.17
C LYS A 27 4.61 13.47 7.27
N GLN A 28 4.49 14.67 7.75
CA GLN A 28 3.98 15.65 6.80
C GLN A 28 5.10 15.96 5.83
N VAL A 29 6.31 16.05 6.33
CA VAL A 29 7.37 16.29 5.35
C VAL A 29 7.36 15.22 4.28
N TYR A 30 7.18 13.96 4.68
CA TYR A 30 7.34 12.83 3.76
C TYR A 30 6.17 12.71 2.80
N ARG A 31 4.94 12.91 3.28
CA ARG A 31 3.78 12.75 2.42
C ARG A 31 3.78 13.79 1.30
N ALA A 32 4.24 15.00 1.60
CA ALA A 32 4.18 16.10 0.64
C ALA A 32 5.42 16.20 -0.23
N THR A 33 6.37 15.27 -0.12
CA THR A 33 7.55 15.26 -0.98
C THR A 33 7.44 14.09 -1.94
N HIS A 34 7.62 14.37 -3.23
CA HIS A 34 7.49 13.36 -4.25
C HIS A 34 8.85 12.76 -4.57
N ARG A 35 8.91 11.44 -4.70
CA ARG A 35 10.17 10.71 -4.75
C ARG A 35 10.39 10.15 -6.14
N LEU A 36 11.58 10.39 -6.68
CA LEU A 36 11.92 10.02 -8.04
C LEU A 36 13.17 9.16 -8.06
N LEU A 37 13.19 8.18 -8.96
CA LEU A 37 14.37 7.36 -9.22
C LEU A 37 14.97 7.82 -10.54
N LEU A 38 16.25 8.19 -10.51
CA LEU A 38 16.95 8.62 -11.73
C LEU A 38 17.82 7.48 -12.25
N LEU A 39 17.14 6.51 -12.85
CA LEU A 39 17.83 5.40 -13.51
C LEU A 39 18.45 5.85 -14.81
N GLY A 40 19.55 5.21 -15.17
CA GLY A 40 20.21 5.51 -16.43
C GLY A 40 21.54 4.81 -16.59
N ALA A 41 21.99 4.66 -17.84
CA ALA A 41 23.30 4.09 -18.09
C ALA A 41 24.39 5.11 -17.76
N ASP A 42 25.63 4.62 -17.71
CA ASP A 42 26.76 5.49 -17.38
C ASP A 42 26.89 6.61 -18.41
N ASN A 43 26.74 6.28 -19.69
CA ASN A 43 26.84 7.30 -20.73
C ASN A 43 25.75 8.35 -20.57
N SER A 44 24.53 7.92 -20.26
CA SER A 44 23.43 8.86 -20.08
C SER A 44 23.79 9.89 -19.03
N GLY A 45 23.56 11.16 -19.34
CA GLY A 45 24.03 12.24 -18.51
C GLY A 45 23.26 12.44 -17.23
N LYS A 46 23.11 11.38 -16.43
CA LYS A 46 22.52 11.55 -15.10
C LYS A 46 23.27 12.62 -14.33
N SER A 47 24.60 12.58 -14.40
CA SER A 47 25.41 13.60 -13.73
C SER A 47 25.05 14.99 -14.22
N THR A 48 24.90 15.15 -15.54
CA THR A 48 24.54 16.46 -16.08
C THR A 48 23.16 16.89 -15.59
N ILE A 49 22.20 15.96 -15.55
CA ILE A 49 20.86 16.30 -15.10
C ILE A 49 20.91 16.79 -13.66
N VAL A 50 21.59 16.05 -12.78
CA VAL A 50 21.64 16.44 -11.37
C VAL A 50 22.39 17.74 -11.20
N LYS A 51 23.44 17.95 -12.00
CA LYS A 51 24.22 19.18 -11.89
C LYS A 51 23.39 20.40 -12.27
N GLN A 52 22.68 20.32 -13.39
CA GLN A 52 21.92 21.48 -13.84
C GLN A 52 20.85 21.88 -12.83
N MET A 53 20.24 20.91 -12.18
CA MET A 53 19.16 21.20 -11.25
C MET A 53 19.64 21.27 -9.80
N ARG A 54 20.96 21.36 -9.57
CA ARG A 54 21.44 21.68 -8.23
C ARG A 54 20.77 22.93 -7.70
N ILE A 55 20.60 23.93 -8.56
CA ILE A 55 19.92 25.17 -8.22
C ILE A 55 18.70 24.92 -7.34
N GLY A 183 27.55 5.50 -2.96
CA GLY A 183 26.41 4.66 -3.27
C GLY A 183 25.22 5.45 -3.81
N ILE A 184 24.13 5.44 -3.05
CA ILE A 184 22.92 6.14 -3.46
C ILE A 184 23.11 7.64 -3.24
N PHE A 185 22.81 8.42 -4.27
CA PHE A 185 22.94 9.87 -4.23
C PHE A 185 21.54 10.49 -4.31
N GLU A 186 21.24 11.39 -3.37
CA GLU A 186 19.94 12.03 -3.29
C GLU A 186 20.10 13.53 -3.49
N THR A 187 19.26 14.11 -4.34
CA THR A 187 19.29 15.53 -4.65
C THR A 187 17.90 16.10 -4.43
N LYS A 188 17.82 17.15 -3.61
CA LYS A 188 16.56 17.84 -3.36
C LYS A 188 16.37 18.94 -4.38
N PHE A 189 15.13 19.14 -4.82
CA PHE A 189 14.81 20.29 -5.65
C PHE A 189 13.32 20.58 -5.57
N GLN A 190 13.00 21.86 -5.37
CA GLN A 190 11.62 22.32 -5.24
C GLN A 190 11.24 23.10 -6.50
N VAL A 191 10.13 22.72 -7.10
CA VAL A 191 9.62 23.40 -8.30
C VAL A 191 8.18 23.81 -7.98
N ASP A 192 7.93 25.11 -7.98
CA ASP A 192 6.60 25.64 -7.66
C ASP A 192 6.17 25.23 -6.26
N LYS A 193 7.13 25.20 -5.34
CA LYS A 193 6.85 24.98 -3.91
C LYS A 193 6.33 23.57 -3.64
N VAL A 194 6.78 22.58 -4.41
CA VAL A 194 6.54 21.18 -4.11
C VAL A 194 7.87 20.45 -4.08
N ASN A 195 8.11 19.74 -2.98
CA ASN A 195 9.38 19.02 -2.81
C ASN A 195 9.56 17.82 -3.69
N PHE A 196 10.78 17.59 -4.14
CA PHE A 196 11.11 16.43 -4.94
C PHE A 196 12.40 15.80 -4.44
N HIS A 197 12.32 14.54 -4.01
CA HIS A 197 13.52 13.73 -3.91
C HIS A 197 14.01 13.39 -5.31
N MET A 198 15.26 12.93 -5.39
CA MET A 198 15.75 12.30 -6.61
C MET A 198 16.95 11.45 -6.22
N PHE A 199 16.80 10.13 -6.32
CA PHE A 199 17.81 9.20 -5.86
C PHE A 199 18.54 8.60 -7.06
N ASP A 200 19.74 9.10 -7.33
CA ASP A 200 20.64 8.41 -8.22
C ASP A 200 21.10 7.12 -7.55
N VAL A 201 21.29 6.07 -8.33
CA VAL A 201 21.65 4.76 -7.80
C VAL A 201 23.05 4.35 -8.28
N GLY A 202 23.94 5.31 -8.48
CA GLY A 202 25.28 5.00 -8.93
C GLY A 202 26.04 4.20 -7.90
N ALA A 203 27.21 3.71 -8.33
CA ALA A 203 28.06 2.87 -7.49
C ALA A 203 27.30 1.62 -7.04
N GLN A 204 26.77 0.89 -8.01
CA GLN A 204 26.04 -0.35 -7.78
C GLN A 204 26.37 -1.33 -8.89
N ARG A 205 26.17 -2.62 -8.61
CA ARG A 205 26.42 -3.65 -9.60
C ARG A 205 25.59 -3.39 -10.84
N ASP A 206 25.99 -3.97 -11.97
CA ASP A 206 25.29 -3.71 -13.23
C ASP A 206 23.83 -4.16 -13.14
N GLU A 207 23.60 -5.33 -12.54
CA GLU A 207 22.24 -5.82 -12.37
C GLU A 207 21.47 -4.93 -11.41
N ARG A 208 20.19 -4.70 -11.68
CA ARG A 208 19.40 -3.81 -10.85
C ARG A 208 18.44 -4.48 -9.96
N ARG A 209 18.20 -5.76 -10.18
CA ARG A 209 17.19 -6.42 -9.40
C ARG A 209 17.51 -6.48 -7.93
N LYS A 210 16.49 -6.54 -7.09
CA LYS A 210 16.63 -6.74 -5.65
C LYS A 210 17.16 -5.49 -4.94
N TRP A 211 17.28 -4.38 -5.67
CA TRP A 211 17.23 -3.06 -5.08
C TRP A 211 16.26 -2.14 -5.80
N ILE A 212 15.75 -2.56 -6.96
CA ILE A 212 14.62 -1.86 -7.58
C ILE A 212 13.33 -2.21 -6.84
N GLN A 213 13.28 -3.37 -6.19
CA GLN A 213 12.09 -3.76 -5.45
C GLN A 213 11.75 -2.75 -4.35
N CYS A 214 12.75 -2.05 -3.83
CA CYS A 214 12.50 -1.11 -2.75
C CYS A 214 12.00 0.23 -3.26
N PHE A 215 12.20 0.52 -4.54
CA PHE A 215 11.72 1.77 -5.12
C PHE A 215 10.32 1.59 -5.69
N ASN A 216 9.59 0.61 -5.19
CA ASN A 216 8.26 0.29 -5.68
C ASN A 216 7.25 1.36 -5.38
N ASP A 217 7.58 2.34 -4.52
CA ASP A 217 6.61 3.36 -4.13
C ASP A 217 7.03 4.77 -4.55
N VAL A 218 7.95 4.91 -5.50
CA VAL A 218 8.33 6.22 -6.00
C VAL A 218 7.27 6.69 -6.98
N THR A 219 7.00 8.00 -6.98
CA THR A 219 5.94 8.53 -7.83
C THR A 219 6.25 8.31 -9.30
N ALA A 220 7.51 8.47 -9.70
CA ALA A 220 7.89 8.30 -11.09
C ALA A 220 9.34 7.88 -11.17
N ILE A 221 9.70 7.24 -12.28
CA ILE A 221 11.08 6.86 -12.58
C ILE A 221 11.57 7.72 -13.74
N ILE A 222 12.75 8.28 -13.60
CA ILE A 222 13.35 9.12 -14.62
C ILE A 222 14.43 8.28 -15.29
N PHE A 223 14.18 7.89 -16.52
CA PHE A 223 15.12 7.07 -17.30
C PHE A 223 15.81 7.97 -18.31
N VAL A 224 17.10 8.22 -18.09
CA VAL A 224 17.92 9.02 -18.98
C VAL A 224 18.72 8.09 -19.87
N VAL A 225 18.74 8.36 -21.16
CA VAL A 225 19.42 7.53 -22.14
C VAL A 225 20.36 8.40 -22.97
N ASP A 226 21.54 7.86 -23.27
CA ASP A 226 22.48 8.53 -24.16
C ASP A 226 22.03 8.36 -25.60
N SER A 227 21.09 9.19 -26.04
CA SER A 227 20.59 9.09 -27.41
C SER A 227 21.71 9.22 -28.43
N SER A 228 22.74 10.01 -28.14
CA SER A 228 23.81 10.23 -29.11
C SER A 228 24.58 8.94 -29.40
N ASP A 229 24.85 8.14 -28.36
CA ASP A 229 25.70 6.96 -28.52
C ASP A 229 24.86 5.86 -29.18
N TYR A 230 25.05 5.71 -30.48
CA TYR A 230 24.22 4.80 -31.26
C TYR A 230 24.38 3.35 -30.82
N ASN A 231 25.63 2.90 -30.70
CA ASN A 231 25.88 1.50 -30.38
C ASN A 231 25.15 0.98 -29.16
N ARG A 232 25.24 1.70 -28.05
CA ARG A 232 24.65 1.23 -26.81
C ARG A 232 23.14 1.49 -26.73
N LEU A 233 22.55 2.08 -27.77
CA LEU A 233 21.13 2.38 -27.73
C LEU A 233 20.30 1.10 -27.60
N GLN A 234 20.74 0.01 -28.21
CA GLN A 234 20.01 -1.25 -28.04
C GLN A 234 20.12 -1.76 -26.61
N GLU A 235 21.28 -1.58 -25.98
CA GLU A 235 21.41 -1.92 -24.56
C GLU A 235 20.48 -1.05 -23.73
N ALA A 236 20.35 0.23 -24.08
CA ALA A 236 19.41 1.09 -23.39
C ALA A 236 17.98 0.60 -23.57
N LEU A 237 17.64 0.13 -24.77
CA LEU A 237 16.31 -0.40 -25.01
C LEU A 237 16.07 -1.65 -24.18
N ASN A 238 17.08 -2.51 -24.07
CA ASN A 238 16.94 -3.70 -23.22
C ASN A 238 16.76 -3.30 -21.75
N ASP A 239 17.50 -2.29 -21.31
CA ASP A 239 17.35 -1.81 -19.94
C ASP A 239 15.95 -1.28 -19.70
N PHE A 240 15.43 -0.50 -20.65
CA PHE A 240 14.07 0.03 -20.53
C PHE A 240 13.05 -1.09 -20.56
N LYS A 241 13.30 -2.14 -21.34
CA LYS A 241 12.42 -3.30 -21.33
C LYS A 241 12.41 -3.96 -19.96
N SER A 242 13.58 -4.09 -19.35
CA SER A 242 13.66 -4.70 -18.02
C SER A 242 12.91 -3.86 -17.00
N ILE A 243 13.12 -2.55 -17.02
CA ILE A 243 12.47 -1.67 -16.05
C ILE A 243 10.97 -1.66 -16.27
N TRP A 244 10.54 -1.49 -17.53
CA TRP A 244 9.13 -1.43 -17.85
C TRP A 244 8.42 -2.74 -17.52
N ASN A 245 8.95 -3.85 -18.03
CA ASN A 245 8.34 -5.16 -17.81
C ASN A 245 8.91 -5.84 -16.56
N ASN A 246 8.82 -5.14 -15.44
CA ASN A 246 9.27 -5.66 -14.17
C ASN A 246 8.07 -6.10 -13.35
N ARG A 247 8.25 -7.17 -12.57
CA ARG A 247 7.17 -7.66 -11.72
C ARG A 247 6.72 -6.56 -10.77
N TRP A 248 7.67 -5.94 -10.09
CA TRP A 248 7.48 -4.65 -9.44
C TRP A 248 7.50 -3.55 -10.51
N LEU A 249 7.43 -2.31 -10.07
CA LEU A 249 7.37 -1.15 -10.96
C LEU A 249 6.22 -1.24 -11.97
N ARG A 250 5.24 -2.11 -11.72
CA ARG A 250 4.12 -2.25 -12.64
C ARG A 250 3.08 -1.14 -12.48
N THR A 251 3.25 -0.26 -11.49
CA THR A 251 2.38 0.90 -11.32
C THR A 251 3.15 2.20 -11.30
N ILE A 252 4.35 2.22 -11.87
CA ILE A 252 5.25 3.37 -11.82
C ILE A 252 5.51 3.84 -13.24
N SER A 253 5.30 5.13 -13.48
CA SER A 253 5.56 5.73 -14.78
C SER A 253 7.04 5.97 -14.97
N VAL A 254 7.45 6.05 -16.23
CA VAL A 254 8.84 6.27 -16.59
C VAL A 254 8.92 7.55 -17.42
N ILE A 255 9.85 8.42 -17.07
CA ILE A 255 10.09 9.66 -17.80
C ILE A 255 11.36 9.45 -18.61
N LEU A 256 11.23 9.38 -19.93
CA LEU A 256 12.36 9.17 -20.82
C LEU A 256 12.98 10.51 -21.17
N PHE A 257 14.03 10.88 -20.45
CA PHE A 257 14.80 12.06 -20.80
C PHE A 257 15.88 11.64 -21.78
N LEU A 258 15.58 11.77 -23.07
CA LEU A 258 16.54 11.44 -24.11
C LEU A 258 17.60 12.53 -24.14
N ASN A 259 18.62 12.38 -23.29
CA ASN A 259 19.53 13.45 -23.00
C ASN A 259 20.54 13.67 -24.12
N LYS A 260 21.10 14.88 -24.16
CA LYS A 260 22.13 15.25 -25.12
C LYS A 260 21.61 15.10 -26.56
N GLN A 261 20.51 15.80 -26.85
CA GLN A 261 20.02 15.85 -28.22
C GLN A 261 20.89 16.76 -29.09
N ASP A 262 21.65 17.67 -28.49
CA ASP A 262 22.59 18.48 -29.26
C ASP A 262 23.66 17.60 -29.90
N LEU A 263 24.22 16.67 -29.12
CA LEU A 263 25.24 15.78 -29.66
C LEU A 263 24.65 14.85 -30.72
N LEU A 264 23.44 14.35 -30.51
CA LEU A 264 22.79 13.55 -31.52
C LEU A 264 22.58 14.34 -32.80
N ALA A 265 22.18 15.61 -32.66
CA ALA A 265 22.00 16.46 -33.83
C ALA A 265 23.33 16.60 -34.59
N GLU A 266 24.39 16.91 -33.85
CA GLU A 266 25.70 17.06 -34.48
C GLU A 266 26.11 15.80 -35.22
N LYS A 267 25.91 14.64 -34.59
CA LYS A 267 26.36 13.39 -35.20
C LYS A 267 25.48 13.01 -36.39
N VAL A 268 24.18 13.31 -36.34
CA VAL A 268 23.29 12.91 -37.42
C VAL A 268 23.37 13.86 -38.61
N LEU A 269 23.71 15.13 -38.40
CA LEU A 269 24.02 16.00 -39.52
C LEU A 269 25.16 15.40 -40.33
N ALA A 270 26.33 15.28 -39.71
CA ALA A 270 27.49 14.75 -40.40
C ALA A 270 27.34 13.25 -40.61
N GLY A 271 28.08 12.72 -41.58
CA GLY A 271 28.06 11.29 -41.85
C GLY A 271 28.83 10.51 -40.80
N LYS A 272 29.37 9.36 -41.21
CA LYS A 272 30.18 8.48 -40.37
C LYS A 272 29.40 7.87 -39.21
N SER A 273 28.07 8.06 -39.18
CA SER A 273 27.24 7.44 -38.15
C SER A 273 25.83 7.30 -38.73
N LYS A 274 25.49 6.09 -39.15
CA LYS A 274 24.25 5.81 -39.86
C LYS A 274 23.39 4.90 -39.00
N ILE A 275 22.11 5.28 -38.83
CA ILE A 275 21.23 4.52 -37.94
C ILE A 275 21.11 3.08 -38.41
N GLU A 276 20.90 2.91 -39.71
CA GLU A 276 20.72 1.56 -40.27
C GLU A 276 21.85 0.62 -39.92
N ASP A 277 23.06 1.17 -39.76
CA ASP A 277 24.17 0.32 -39.35
C ASP A 277 23.93 -0.32 -37.99
N TYR A 278 23.05 0.27 -37.18
CA TYR A 278 22.68 -0.27 -35.88
C TYR A 278 21.22 -0.64 -35.78
N PHE A 279 20.33 0.21 -36.28
CA PHE A 279 18.89 -0.08 -36.32
C PHE A 279 18.42 0.01 -37.76
N PRO A 280 18.35 -1.13 -38.46
CA PRO A 280 18.00 -1.07 -39.89
C PRO A 280 16.64 -0.49 -40.17
N GLU A 281 15.74 -0.47 -39.18
CA GLU A 281 14.37 -0.03 -39.43
C GLU A 281 14.29 1.46 -39.77
N PHE A 282 15.36 2.22 -39.56
CA PHE A 282 15.29 3.66 -39.78
C PHE A 282 15.10 4.02 -41.25
N ALA A 283 15.56 3.16 -42.17
CA ALA A 283 15.30 3.43 -43.58
C ALA A 283 13.81 3.48 -43.86
N ARG A 284 13.03 2.64 -43.19
CA ARG A 284 11.60 2.51 -43.47
C ARG A 284 10.75 3.35 -42.52
N TYR A 285 11.33 4.36 -41.90
CA TYR A 285 10.67 5.17 -40.88
C TYR A 285 10.52 6.60 -41.36
N THR A 286 9.30 7.11 -41.29
CA THR A 286 9.02 8.51 -41.57
C THR A 286 8.83 9.26 -40.26
N THR A 287 8.77 10.59 -40.34
CA THR A 287 8.54 11.40 -39.16
C THR A 287 7.06 11.32 -38.78
N PRO A 288 6.73 10.84 -37.58
CA PRO A 288 5.35 10.93 -37.11
C PRO A 288 4.68 12.23 -37.50
N GLU A 289 3.42 12.13 -37.89
CA GLU A 289 2.66 13.32 -38.27
C GLU A 289 2.54 14.27 -37.09
N ASP A 290 2.63 13.76 -35.86
CA ASP A 290 2.46 14.56 -34.66
C ASP A 290 3.75 15.17 -34.17
N ALA A 291 4.85 15.00 -34.90
CA ALA A 291 6.12 15.58 -34.48
C ALA A 291 6.03 17.10 -34.46
N THR A 292 6.66 17.70 -33.46
CA THR A 292 6.65 19.15 -33.26
C THR A 292 8.09 19.64 -33.15
N PRO A 293 8.81 19.66 -34.28
CA PRO A 293 10.24 20.00 -34.22
C PRO A 293 10.47 21.38 -33.64
N GLU A 294 11.53 21.49 -32.84
CA GLU A 294 11.95 22.79 -32.34
C GLU A 294 12.47 23.63 -33.51
N PRO A 295 12.13 24.92 -33.59
CA PRO A 295 12.57 25.71 -34.74
C PRO A 295 14.08 25.78 -34.81
N GLY A 296 14.60 25.83 -36.05
CA GLY A 296 16.02 25.84 -36.27
C GLY A 296 16.67 24.49 -36.43
N GLU A 297 15.88 23.43 -36.60
CA GLU A 297 16.39 22.08 -36.77
C GLU A 297 15.91 21.53 -38.10
N ASP A 298 16.82 20.90 -38.84
CA ASP A 298 16.49 20.37 -40.15
C ASP A 298 15.68 19.09 -40.04
N PRO A 299 15.05 18.65 -41.14
CA PRO A 299 14.18 17.47 -41.05
C PRO A 299 14.88 16.20 -40.59
N ARG A 300 16.15 15.99 -40.94
CA ARG A 300 16.76 14.69 -40.67
C ARG A 300 17.04 14.49 -39.18
N VAL A 301 17.43 15.56 -38.47
CA VAL A 301 17.61 15.42 -37.03
C VAL A 301 16.29 15.07 -36.36
N THR A 302 15.20 15.71 -36.80
CA THR A 302 13.89 15.36 -36.28
C THR A 302 13.57 13.90 -36.57
N ARG A 303 13.86 13.45 -37.80
CA ARG A 303 13.63 12.05 -38.14
C ARG A 303 14.33 11.12 -37.15
N ALA A 304 15.62 11.36 -36.93
CA ALA A 304 16.39 10.46 -36.07
C ALA A 304 15.91 10.51 -34.63
N LYS A 305 15.70 11.72 -34.10
CA LYS A 305 15.29 11.84 -32.70
C LYS A 305 13.94 11.18 -32.47
N TYR A 306 13.00 11.38 -33.38
CA TYR A 306 11.69 10.75 -33.21
C TYR A 306 11.78 9.25 -33.45
N PHE A 307 12.69 8.79 -34.30
CA PHE A 307 12.88 7.36 -34.45
C PHE A 307 13.30 6.73 -33.13
N ILE A 308 14.26 7.36 -32.44
CA ILE A 308 14.66 6.84 -31.14
C ILE A 308 13.50 6.90 -30.14
N ARG A 309 12.78 8.01 -30.13
CA ARG A 309 11.66 8.15 -29.20
C ARG A 309 10.66 7.01 -29.38
N ASP A 310 10.23 6.78 -30.63
CA ASP A 310 9.24 5.72 -30.84
C ASP A 310 9.85 4.33 -30.69
N GLU A 311 11.17 4.19 -30.88
CA GLU A 311 11.80 2.92 -30.57
C GLU A 311 11.66 2.58 -29.09
N PHE A 312 11.78 3.60 -28.23
CA PHE A 312 11.49 3.37 -26.81
C PHE A 312 9.99 3.15 -26.58
N LEU A 313 9.16 3.99 -27.18
CA LEU A 313 7.73 3.90 -26.91
C LEU A 313 7.13 2.58 -27.34
N ARG A 314 7.62 1.98 -28.43
CA ARG A 314 7.09 0.71 -28.89
C ARG A 314 7.11 -0.31 -27.77
N ILE A 315 8.26 -0.47 -27.13
CA ILE A 315 8.35 -1.36 -25.98
C ILE A 315 7.63 -0.77 -24.78
N SER A 316 7.38 0.54 -24.78
CA SER A 316 6.57 1.11 -23.71
C SER A 316 5.07 0.82 -23.91
N THR A 317 4.53 1.18 -25.07
CA THR A 317 3.10 1.00 -25.30
C THR A 317 2.70 -0.46 -25.47
N ALA A 318 3.65 -1.35 -25.75
CA ALA A 318 3.30 -2.73 -26.05
C ALA A 318 2.60 -3.42 -24.88
N SER A 319 2.97 -3.10 -23.64
CA SER A 319 2.39 -3.76 -22.49
C SER A 319 2.04 -2.76 -21.38
N GLY A 320 1.47 -1.62 -21.77
CA GLY A 320 1.14 -0.59 -20.80
C GLY A 320 0.08 -1.01 -19.80
N ASP A 321 -1.00 -1.61 -20.28
CA ASP A 321 -2.12 -2.03 -19.44
C ASP A 321 -2.77 -0.86 -18.70
N GLY A 322 -2.44 0.38 -19.09
CA GLY A 322 -3.01 1.55 -18.48
C GLY A 322 -2.63 1.79 -17.03
N ARG A 323 -1.92 0.87 -16.39
CA ARG A 323 -1.55 1.08 -14.99
C ARG A 323 -0.43 2.09 -14.85
N HIS A 324 0.49 2.11 -15.81
CA HIS A 324 1.62 3.03 -15.78
C HIS A 324 1.97 3.42 -17.20
N TYR A 325 2.36 4.68 -17.37
CA TYR A 325 2.59 5.25 -18.69
C TYR A 325 4.01 5.79 -18.79
N CYS A 326 4.46 6.02 -20.02
CA CYS A 326 5.76 6.59 -20.30
C CYS A 326 5.58 7.99 -20.87
N TYR A 327 6.49 8.89 -20.52
CA TYR A 327 6.38 10.31 -20.84
C TYR A 327 7.67 10.75 -21.54
N PRO A 328 7.79 10.51 -22.85
CA PRO A 328 9.04 10.86 -23.54
C PRO A 328 9.28 12.36 -23.50
N HIS A 329 10.56 12.73 -23.44
CA HIS A 329 10.97 14.12 -23.47
C HIS A 329 12.36 14.23 -24.05
N PHE A 330 12.54 15.14 -25.00
CA PHE A 330 13.85 15.44 -25.54
C PHE A 330 14.51 16.52 -24.70
N THR A 331 15.71 16.25 -24.21
CA THR A 331 16.39 17.14 -23.28
C THR A 331 17.87 17.16 -23.57
N CYS A 332 18.54 18.21 -23.07
CA CYS A 332 19.99 18.35 -23.15
C CYS A 332 20.53 18.64 -21.76
N SER A 333 21.86 18.64 -21.66
CA SER A 333 22.50 18.81 -20.36
C SER A 333 22.25 20.20 -19.80
N VAL A 334 22.45 21.23 -20.61
CA VAL A 334 22.37 22.61 -20.11
C VAL A 334 20.92 23.00 -19.81
N ASP A 335 19.96 22.25 -20.35
CA ASP A 335 18.55 22.65 -20.26
C ASP A 335 18.15 22.90 -18.82
N THR A 336 17.59 24.08 -18.57
CA THR A 336 17.07 24.43 -17.25
C THR A 336 15.62 24.02 -17.06
N GLU A 337 14.95 23.54 -18.11
CA GLU A 337 13.55 23.16 -18.03
C GLU A 337 13.36 21.71 -17.60
N ASN A 338 14.43 20.98 -17.30
CA ASN A 338 14.30 19.59 -16.92
C ASN A 338 13.48 19.45 -15.64
N ALA A 339 13.72 20.32 -14.66
CA ALA A 339 12.92 20.31 -13.44
C ALA A 339 11.46 20.59 -13.75
N ARG A 340 11.19 21.54 -14.65
CA ARG A 340 9.82 21.84 -15.03
C ARG A 340 9.18 20.65 -15.73
N ARG A 341 9.94 19.97 -16.59
CA ARG A 341 9.42 18.76 -17.23
C ARG A 341 9.08 17.72 -16.18
N ILE A 342 9.94 17.57 -15.17
CA ILE A 342 9.69 16.61 -14.10
C ILE A 342 8.41 16.97 -13.36
N PHE A 343 8.25 18.26 -13.05
CA PHE A 343 7.06 18.71 -12.33
C PHE A 343 5.79 18.43 -13.12
N ASN A 344 5.78 18.79 -14.41
CA ASN A 344 4.61 18.56 -15.23
C ASN A 344 4.32 17.07 -15.36
N ASP A 345 5.36 16.27 -15.54
CA ASP A 345 5.17 14.83 -15.68
C ASP A 345 4.61 14.22 -14.40
N CYS A 346 5.10 14.65 -13.25
CA CYS A 346 4.58 14.16 -11.99
C CYS A 346 3.11 14.55 -11.82
N ARG A 347 2.78 15.79 -12.17
CA ARG A 347 1.39 16.21 -12.14
C ARG A 347 0.54 15.27 -12.99
N ASP A 348 0.97 15.01 -14.22
CA ASP A 348 0.20 14.16 -15.12
C ASP A 348 0.09 12.74 -14.56
N ILE A 349 1.17 12.22 -14.00
CA ILE A 349 1.18 10.84 -13.50
C ILE A 349 0.17 10.70 -12.37
N ILE A 350 0.24 11.61 -11.39
CA ILE A 350 -0.67 11.52 -10.25
C ILE A 350 -2.11 11.72 -10.70
N GLN A 351 -2.33 12.69 -11.59
CA GLN A 351 -3.68 12.94 -12.09
C GLN A 351 -4.25 11.71 -12.76
N ARG A 352 -3.46 11.09 -13.66
CA ARG A 352 -3.94 9.93 -14.37
C ARG A 352 -4.20 8.77 -13.42
N MET A 353 -3.32 8.57 -12.45
CA MET A 353 -3.51 7.50 -11.47
C MET A 353 -4.82 7.69 -10.72
N HIS A 354 -5.07 8.90 -10.23
CA HIS A 354 -6.27 9.15 -9.45
C HIS A 354 -7.52 9.04 -10.32
N LEU A 355 -7.45 9.53 -11.57
CA LEU A 355 -8.59 9.41 -12.47
C LEU A 355 -8.90 7.95 -12.76
N ARG A 356 -7.86 7.13 -12.93
CA ARG A 356 -8.08 5.70 -13.06
C ARG A 356 -8.73 5.13 -11.81
N GLN A 357 -8.28 5.58 -10.64
CA GLN A 357 -8.89 5.12 -9.39
C GLN A 357 -10.36 5.49 -9.33
N TYR A 358 -10.69 6.71 -9.78
CA TYR A 358 -12.08 7.16 -9.80
C TYR A 358 -12.84 6.64 -11.02
N GLU A 359 -12.17 5.94 -11.93
CA GLU A 359 -12.80 5.39 -13.13
C GLU A 359 -13.28 6.49 -14.07
N LEU A 360 -12.69 7.66 -13.99
CA LEU A 360 -12.98 8.74 -14.93
C LEU A 360 -12.14 8.67 -16.19
N LEU A 361 -11.13 7.79 -16.23
CA LEU A 361 -10.25 7.68 -17.39
C LEU A 361 -10.02 6.21 -17.74
N GLU B 8 45.35 -22.39 -19.76
CA GLU B 8 45.17 -23.60 -18.91
C GLU B 8 43.74 -23.69 -18.39
N LEU B 9 42.84 -22.91 -18.99
CA LEU B 9 41.45 -22.90 -18.53
C LEU B 9 40.81 -24.27 -18.67
N ASP B 10 41.13 -25.00 -19.74
CA ASP B 10 40.56 -26.32 -19.94
C ASP B 10 40.90 -27.24 -18.78
N GLN B 11 42.18 -27.33 -18.42
CA GLN B 11 42.59 -28.21 -17.34
C GLN B 11 42.00 -27.75 -16.01
N LEU B 12 41.98 -26.45 -15.77
CA LEU B 12 41.44 -25.95 -14.50
C LEU B 12 39.95 -26.28 -14.37
N ARG B 13 39.18 -26.11 -15.45
CA ARG B 13 37.76 -26.44 -15.39
C ARG B 13 37.54 -27.94 -15.26
N GLN B 14 38.39 -28.74 -15.91
CA GLN B 14 38.28 -30.19 -15.75
C GLN B 14 38.51 -30.58 -14.28
N GLU B 15 39.54 -29.98 -13.66
CA GLU B 15 39.80 -30.24 -12.25
C GLU B 15 38.63 -29.79 -11.38
N ALA B 16 38.06 -28.62 -11.68
CA ALA B 16 36.94 -28.13 -10.89
C ALA B 16 35.76 -29.09 -10.98
N GLU B 17 35.47 -29.57 -12.19
CA GLU B 17 34.39 -30.54 -12.36
C GLU B 17 34.69 -31.84 -11.63
N GLN B 18 35.95 -32.26 -11.63
CA GLN B 18 36.32 -33.48 -10.93
C GLN B 18 36.06 -33.35 -9.43
N LEU B 19 36.51 -32.24 -8.84
CA LEU B 19 36.27 -32.04 -7.40
C LEU B 19 34.78 -31.86 -7.11
N LYS B 20 34.03 -31.25 -8.03
CA LYS B 20 32.59 -31.12 -7.83
C LYS B 20 31.94 -32.49 -7.81
N ASN B 21 32.33 -33.37 -8.73
CA ASN B 21 31.83 -34.74 -8.71
C ASN B 21 32.21 -35.43 -7.42
N GLN B 22 33.44 -35.22 -6.96
CA GLN B 22 33.89 -35.84 -5.71
C GLN B 22 33.02 -35.39 -4.54
N ILE B 23 32.76 -34.09 -4.42
CA ILE B 23 32.02 -33.59 -3.28
C ILE B 23 30.58 -34.13 -3.31
N ARG B 24 29.96 -34.11 -4.50
CA ARG B 24 28.59 -34.62 -4.56
C ARG B 24 28.53 -36.11 -4.26
N ASP B 25 29.52 -36.86 -4.74
CA ASP B 25 29.56 -38.30 -4.45
C ASP B 25 29.72 -38.54 -2.96
N ALA B 26 30.59 -37.76 -2.31
CA ALA B 26 30.77 -37.90 -0.87
C ALA B 26 29.47 -37.55 -0.13
N ARG B 27 28.78 -36.51 -0.58
CA ARG B 27 27.51 -36.13 0.04
C ARG B 27 26.50 -37.26 -0.08
N LYS B 28 26.44 -37.89 -1.26
CA LYS B 28 25.58 -39.05 -1.44
C LYS B 28 25.99 -40.19 -0.53
N ALA B 29 27.31 -40.37 -0.34
CA ALA B 29 27.79 -41.43 0.54
C ALA B 29 27.32 -41.23 1.97
N CYS B 30 27.34 -39.98 2.45
CA CYS B 30 26.82 -39.65 3.76
C CYS B 30 25.34 -39.33 3.74
N ALA B 31 24.65 -39.61 2.63
CA ALA B 31 23.24 -39.33 2.47
C ALA B 31 22.35 -40.44 3.03
N ASP B 32 22.82 -41.16 4.03
CA ASP B 32 22.05 -42.25 4.64
C ASP B 32 20.71 -41.71 5.13
N ALA B 33 19.83 -42.59 5.59
CA ALA B 33 18.40 -42.32 5.70
C ALA B 33 18.10 -40.86 6.03
N THR B 34 17.23 -40.25 5.22
CA THR B 34 17.04 -38.81 5.27
C THR B 34 16.31 -38.40 6.54
N LEU B 35 16.32 -37.09 6.81
CA LEU B 35 15.65 -36.58 8.00
C LEU B 35 14.16 -36.87 7.97
N SER B 36 13.57 -37.06 6.79
CA SER B 36 12.13 -37.24 6.70
C SER B 36 11.68 -38.50 7.43
N GLN B 37 12.29 -39.64 7.11
CA GLN B 37 11.88 -40.89 7.75
C GLN B 37 12.23 -40.89 9.23
N ILE B 38 13.35 -40.27 9.60
CA ILE B 38 13.73 -40.21 11.00
C ILE B 38 12.71 -39.41 11.79
N THR B 39 12.27 -38.28 11.26
CA THR B 39 11.28 -37.43 11.92
C THR B 39 9.88 -38.03 11.86
N ASN B 40 9.67 -39.10 11.10
CA ASN B 40 8.38 -39.77 11.14
C ASN B 40 8.05 -40.25 12.54
N ASN B 41 9.06 -40.71 13.28
CA ASN B 41 8.84 -41.13 14.66
C ASN B 41 8.46 -39.96 15.57
N ILE B 42 8.74 -38.73 15.14
CA ILE B 42 8.41 -37.56 15.97
C ILE B 42 6.93 -37.28 15.87
N ASP B 43 6.32 -37.01 17.01
CA ASP B 43 4.92 -36.60 17.05
C ASP B 43 4.79 -35.17 16.52
N PRO B 44 3.63 -34.80 15.99
CA PRO B 44 3.44 -33.43 15.52
C PRO B 44 3.35 -32.45 16.68
N VAL B 45 3.48 -31.16 16.34
CA VAL B 45 3.30 -30.09 17.32
C VAL B 45 1.88 -29.58 17.36
N GLY B 46 0.97 -30.17 16.59
CA GLY B 46 -0.40 -29.70 16.53
C GLY B 46 -0.51 -28.41 15.73
N ARG B 47 -1.71 -27.84 15.75
CA ARG B 47 -1.96 -26.60 15.03
C ARG B 47 -1.48 -25.43 15.87
N ILE B 48 -0.16 -25.35 16.05
CA ILE B 48 0.43 -24.30 16.88
C ILE B 48 0.00 -22.94 16.35
N GLN B 49 -0.28 -22.01 17.26
CA GLN B 49 -0.88 -20.75 16.91
C GLN B 49 -0.37 -19.68 17.85
N MET B 50 -0.55 -18.42 17.45
CA MET B 50 -0.17 -17.29 18.28
C MET B 50 -0.84 -16.03 17.74
N ARG B 51 -1.16 -15.13 18.66
CA ARG B 51 -1.93 -13.94 18.34
C ARG B 51 -1.09 -12.69 18.57
N THR B 52 -1.36 -11.67 17.78
CA THR B 52 -0.62 -10.42 17.88
C THR B 52 -0.86 -9.81 19.25
N ARG B 53 0.18 -9.82 20.09
CA ARG B 53 0.09 -9.16 21.39
C ARG B 53 0.44 -7.68 21.33
N ARG B 54 1.10 -7.23 20.27
CA ARG B 54 1.45 -5.83 20.11
C ARG B 54 1.50 -5.50 18.63
N THR B 55 1.25 -4.24 18.31
CA THR B 55 1.34 -3.72 16.95
C THR B 55 2.13 -2.43 17.01
N LEU B 56 3.42 -2.52 16.72
CA LEU B 56 4.33 -1.39 16.84
C LEU B 56 4.15 -0.48 15.64
N ARG B 57 3.33 0.56 15.80
CA ARG B 57 3.06 1.52 14.74
C ARG B 57 3.89 2.78 14.96
N GLY B 58 4.12 3.52 13.89
CA GLY B 58 4.91 4.73 13.97
C GLY B 58 5.79 4.93 12.75
N HIS B 59 6.14 3.83 12.08
CA HIS B 59 6.89 3.94 10.84
C HIS B 59 6.03 4.53 9.74
N LEU B 60 6.64 5.38 8.93
CA LEU B 60 5.96 6.10 7.87
C LEU B 60 5.99 5.38 6.53
N ALA B 61 6.72 4.27 6.42
CA ALA B 61 6.86 3.59 5.14
C ALA B 61 7.19 2.12 5.41
N LYS B 62 7.62 1.43 4.36
CA LYS B 62 7.92 0.02 4.42
C LYS B 62 8.98 -0.28 5.47
N ILE B 63 8.71 -1.27 6.32
CA ILE B 63 9.72 -1.77 7.24
C ILE B 63 10.54 -2.83 6.53
N TYR B 64 11.86 -2.70 6.58
CA TYR B 64 12.75 -3.56 5.82
C TYR B 64 13.63 -4.46 6.66
N ALA B 65 13.87 -4.12 7.92
CA ALA B 65 14.69 -4.95 8.77
C ALA B 65 14.38 -4.65 10.22
N MET B 66 14.63 -5.64 11.07
CA MET B 66 14.48 -5.48 12.50
C MET B 66 15.48 -6.38 13.20
N HIS B 67 15.67 -6.15 14.49
CA HIS B 67 16.54 -7.00 15.28
C HIS B 67 16.21 -6.80 16.75
N TRP B 68 16.03 -7.91 17.46
CA TRP B 68 15.83 -7.87 18.89
C TRP B 68 17.16 -7.67 19.60
N GLY B 69 17.16 -6.82 20.61
CA GLY B 69 18.30 -6.72 21.48
C GLY B 69 18.41 -7.93 22.38
N THR B 70 19.55 -8.12 23.04
CA THR B 70 19.61 -9.32 23.88
C THR B 70 18.69 -9.18 25.08
N ASP B 71 18.23 -7.97 25.38
CA ASP B 71 17.27 -7.85 26.47
C ASP B 71 16.00 -8.65 26.21
N SER B 72 15.71 -8.97 24.95
CA SER B 72 14.44 -9.59 24.57
C SER B 72 13.27 -8.66 24.85
N ARG B 73 13.56 -7.39 25.15
CA ARG B 73 12.53 -6.39 25.41
C ARG B 73 12.56 -5.34 24.32
N LEU B 74 13.72 -4.71 24.13
CA LEU B 74 13.86 -3.68 23.13
C LEU B 74 14.17 -4.29 21.77
N LEU B 75 13.59 -3.70 20.72
CA LEU B 75 13.87 -4.12 19.36
C LEU B 75 14.07 -2.88 18.50
N VAL B 76 14.75 -3.07 17.38
CA VAL B 76 15.02 -2.00 16.42
C VAL B 76 14.37 -2.38 15.10
N SER B 77 13.95 -1.38 14.34
CA SER B 77 13.36 -1.60 13.03
C SER B 77 13.70 -0.43 12.13
N ALA B 78 13.99 -0.72 10.87
CA ALA B 78 14.39 0.28 9.89
C ALA B 78 13.31 0.39 8.82
N SER B 79 12.85 1.62 8.57
CA SER B 79 11.88 1.90 7.53
C SER B 79 12.55 2.70 6.43
N GLN B 80 12.01 2.60 5.22
CA GLN B 80 12.68 3.14 4.06
C GLN B 80 12.55 4.65 3.94
N ASP B 81 11.99 5.32 4.93
CA ASP B 81 12.12 6.77 5.01
C ASP B 81 13.52 7.16 5.48
N GLY B 82 14.15 6.33 6.31
CA GLY B 82 15.38 6.71 6.96
C GLY B 82 15.21 6.87 8.45
N LYS B 83 14.25 6.15 9.03
CA LYS B 83 13.95 6.23 10.46
C LYS B 83 14.26 4.88 11.09
N LEU B 84 15.04 4.91 12.17
CA LEU B 84 15.45 3.71 12.89
C LEU B 84 14.85 3.81 14.30
N ILE B 85 13.62 3.34 14.45
CA ILE B 85 12.89 3.44 15.70
C ILE B 85 13.28 2.28 16.60
N ILE B 86 13.66 2.61 17.84
CA ILE B 86 13.94 1.62 18.88
C ILE B 86 12.71 1.50 19.76
N TRP B 87 12.08 0.32 19.74
CA TRP B 87 10.78 0.11 20.36
C TRP B 87 10.94 -0.68 21.65
N ASP B 88 10.18 -0.30 22.67
CA ASP B 88 10.06 -1.09 23.88
C ASP B 88 8.86 -2.01 23.69
N SER B 89 9.14 -3.26 23.30
CA SER B 89 8.06 -4.17 22.92
C SER B 89 7.02 -4.33 24.01
N TYR B 90 7.43 -4.35 25.29
CA TYR B 90 6.47 -4.59 26.35
C TYR B 90 5.43 -3.47 26.43
N THR B 91 5.88 -2.22 26.50
CA THR B 91 4.99 -1.08 26.67
C THR B 91 4.68 -0.35 25.38
N THR B 92 5.29 -0.74 24.27
CA THR B 92 5.10 -0.11 22.96
C THR B 92 5.69 1.29 22.89
N ASN B 93 6.34 1.76 23.95
CA ASN B 93 6.99 3.07 23.89
C ASN B 93 8.13 3.05 22.89
N LYS B 94 8.36 4.18 22.24
CA LYS B 94 9.45 4.33 21.28
C LYS B 94 10.62 4.98 22.00
N VAL B 95 11.65 4.19 22.29
CA VAL B 95 12.81 4.72 23.01
C VAL B 95 13.57 5.72 22.15
N HIS B 96 13.63 5.49 20.84
CA HIS B 96 14.41 6.34 19.96
C HIS B 96 13.85 6.27 18.55
N ALA B 97 14.27 7.22 17.72
CA ALA B 97 14.05 7.16 16.28
C ALA B 97 15.13 8.00 15.63
N ILE B 98 16.11 7.35 15.03
CA ILE B 98 17.30 8.02 14.51
C ILE B 98 17.03 8.47 13.09
N PRO B 99 17.20 9.76 12.77
CA PRO B 99 17.07 10.19 11.38
C PRO B 99 18.30 9.82 10.56
N LEU B 100 18.15 8.82 9.68
CA LEU B 100 19.29 8.30 8.95
C LEU B 100 19.61 9.20 7.76
N ARG B 101 20.91 9.27 7.42
CA ARG B 101 21.33 10.12 6.32
C ARG B 101 20.85 9.59 4.98
N SER B 102 20.70 8.27 4.87
CA SER B 102 20.20 7.64 3.66
C SER B 102 18.81 7.08 3.91
N SER B 103 17.85 7.50 3.09
CA SER B 103 16.47 7.09 3.31
C SER B 103 16.28 5.60 3.10
N TRP B 104 17.07 4.99 2.22
CA TRP B 104 16.80 3.61 1.79
C TRP B 104 17.68 2.63 2.56
N VAL B 105 17.17 2.20 3.72
CA VAL B 105 17.86 1.19 4.51
C VAL B 105 17.32 -0.19 4.18
N MET B 106 18.23 -1.16 4.08
CA MET B 106 17.87 -2.54 3.83
C MET B 106 18.16 -3.47 5.01
N THR B 107 18.88 -3.01 6.02
CA THR B 107 19.22 -3.86 7.15
C THR B 107 19.43 -3.02 8.40
N CYS B 108 19.30 -3.66 9.56
CA CYS B 108 19.57 -3.02 10.83
C CYS B 108 19.93 -4.10 11.83
N ALA B 109 20.81 -3.76 12.77
CA ALA B 109 21.29 -4.71 13.76
C ALA B 109 21.34 -4.04 15.13
N TYR B 110 21.21 -4.85 16.17
CA TYR B 110 21.36 -4.43 17.54
C TYR B 110 22.59 -5.10 18.13
N ALA B 111 23.47 -4.30 18.75
CA ALA B 111 24.62 -4.86 19.40
C ALA B 111 24.16 -5.75 20.56
N PRO B 112 24.82 -6.88 20.79
CA PRO B 112 24.42 -7.74 21.91
C PRO B 112 24.45 -7.02 23.24
N SER B 113 25.32 -6.04 23.41
CA SER B 113 25.36 -5.27 24.65
C SER B 113 24.23 -4.24 24.73
N GLY B 114 23.57 -3.95 23.61
CA GLY B 114 22.54 -2.93 23.58
C GLY B 114 23.07 -1.52 23.51
N ASN B 115 24.39 -1.33 23.41
CA ASN B 115 24.95 0.01 23.45
C ASN B 115 24.92 0.68 22.08
N TYR B 116 25.02 -0.09 21.01
CA TYR B 116 25.06 0.44 19.66
C TYR B 116 23.99 -0.23 18.80
N VAL B 117 23.56 0.48 17.77
CA VAL B 117 22.66 -0.05 16.77
C VAL B 117 23.19 0.35 15.40
N ALA B 118 23.27 -0.63 14.51
CA ALA B 118 23.85 -0.45 13.19
C ALA B 118 22.77 -0.57 12.12
N CYS B 119 23.01 0.07 10.98
CA CYS B 119 22.09 -0.01 9.86
C CYS B 119 22.84 0.28 8.57
N GLY B 120 22.23 -0.11 7.46
CA GLY B 120 22.81 0.14 6.15
C GLY B 120 21.77 -0.12 5.08
N GLY B 121 22.07 0.36 3.88
CA GLY B 121 21.12 0.23 2.78
C GLY B 121 21.74 0.42 1.43
N LEU B 122 20.96 0.97 0.49
CA LEU B 122 21.47 1.22 -0.85
C LEU B 122 22.66 2.15 -0.84
N ASP B 123 22.81 2.98 0.19
CA ASP B 123 24.11 3.58 0.45
C ASP B 123 25.05 2.52 1.00
N ASN B 124 26.23 2.42 0.41
CA ASN B 124 27.16 1.35 0.77
C ASN B 124 27.93 1.66 2.04
N ILE B 125 27.22 2.01 3.11
CA ILE B 125 27.82 2.46 4.36
C ILE B 125 27.06 1.84 5.51
N CYS B 126 27.79 1.22 6.43
CA CYS B 126 27.22 0.74 7.67
C CYS B 126 27.37 1.85 8.71
N SER B 127 26.25 2.35 9.20
CA SER B 127 26.24 3.45 10.16
C SER B 127 26.02 2.87 11.55
N ILE B 128 27.02 3.01 12.41
CA ILE B 128 26.88 2.59 13.80
C ILE B 128 26.40 3.77 14.63
N TYR B 129 25.29 3.58 15.33
CA TYR B 129 24.68 4.63 16.14
C TYR B 129 24.82 4.22 17.60
N ASN B 130 25.40 5.10 18.41
CA ASN B 130 25.67 4.80 19.81
C ASN B 130 24.49 5.31 20.63
N LEU B 131 23.83 4.41 21.34
CA LEU B 131 22.60 4.76 22.04
C LEU B 131 22.83 5.42 23.38
N LYS B 132 23.91 5.06 24.07
CA LYS B 132 24.19 5.56 25.42
C LYS B 132 25.42 6.47 25.35
N THR B 133 25.17 7.75 25.10
CA THR B 133 26.26 8.72 25.03
C THR B 133 25.68 10.12 25.17
N ARG B 134 26.49 11.02 25.72
CA ARG B 134 26.14 12.43 25.85
C ARG B 134 24.80 12.61 26.55
N GLU B 135 24.44 11.68 27.44
CA GLU B 135 23.19 11.73 28.17
C GLU B 135 22.01 11.88 27.20
N GLY B 136 22.07 11.15 26.09
CA GLY B 136 21.05 11.20 25.06
C GLY B 136 21.61 11.71 23.75
N ASN B 137 20.69 12.04 22.84
CA ASN B 137 21.04 12.54 21.51
C ASN B 137 21.92 11.54 20.77
N VAL B 138 21.33 10.39 20.48
CA VAL B 138 22.00 9.33 19.72
C VAL B 138 22.50 9.92 18.42
N ARG B 139 23.80 9.82 18.17
CA ARG B 139 24.44 10.37 16.98
C ARG B 139 25.38 9.33 16.39
N VAL B 140 25.55 9.38 15.07
CA VAL B 140 26.36 8.38 14.37
C VAL B 140 27.71 8.27 15.04
N SER B 141 28.15 7.03 15.25
CA SER B 141 29.44 6.76 15.87
C SER B 141 30.55 6.61 14.84
N ARG B 142 30.29 5.87 13.76
CA ARG B 142 31.28 5.68 12.72
C ARG B 142 30.59 5.19 11.46
N GLU B 143 30.94 5.80 10.33
CA GLU B 143 30.40 5.43 9.02
C GLU B 143 31.39 4.47 8.38
N LEU B 144 31.10 3.17 8.49
CA LEU B 144 31.94 2.12 7.91
C LEU B 144 31.70 2.06 6.42
N ALA B 145 32.37 2.94 5.69
CA ALA B 145 32.29 2.96 4.24
C ALA B 145 33.47 2.20 3.65
N GLY B 146 33.31 1.73 2.42
CA GLY B 146 34.34 0.97 1.75
C GLY B 146 33.78 -0.15 0.91
N HIS B 147 32.55 -0.56 1.21
CA HIS B 147 31.88 -1.55 0.38
C HIS B 147 31.48 -0.93 -0.95
N THR B 148 31.36 -1.78 -1.97
CA THR B 148 31.03 -1.36 -3.32
C THR B 148 29.63 -1.83 -3.72
N GLY B 149 28.69 -1.79 -2.80
CA GLY B 149 27.33 -2.22 -3.10
C GLY B 149 26.45 -2.05 -1.89
N TYR B 150 25.18 -2.38 -2.08
CA TYR B 150 24.19 -2.15 -1.04
C TYR B 150 24.32 -3.15 0.09
N LEU B 151 24.36 -2.66 1.31
CA LEU B 151 24.49 -3.52 2.49
C LEU B 151 23.17 -4.25 2.71
N SER B 152 23.20 -5.56 2.52
CA SER B 152 21.98 -6.36 2.63
C SER B 152 21.69 -6.81 4.04
N CYS B 153 22.72 -7.06 4.85
CA CYS B 153 22.52 -7.45 6.24
C CYS B 153 23.72 -7.02 7.06
N CYS B 154 23.47 -6.74 8.33
CA CYS B 154 24.49 -6.36 9.27
C CYS B 154 24.25 -7.11 10.57
N ARG B 155 25.32 -7.57 11.21
CA ARG B 155 25.20 -8.30 12.46
C ARG B 155 26.42 -8.00 13.32
N PHE B 156 26.18 -7.77 14.60
CA PHE B 156 27.25 -7.46 15.52
C PHE B 156 27.83 -8.74 16.13
N LEU B 157 29.16 -8.84 16.14
CA LEU B 157 29.84 -9.88 16.88
C LEU B 157 30.09 -9.47 18.32
N ASP B 158 30.70 -8.30 18.52
CA ASP B 158 30.76 -7.65 19.81
C ASP B 158 30.78 -6.15 19.55
N ASP B 159 30.82 -5.38 20.64
CA ASP B 159 30.69 -3.93 20.52
C ASP B 159 31.73 -3.31 19.59
N ASN B 160 32.79 -4.04 19.23
CA ASN B 160 33.86 -3.49 18.41
C ASN B 160 33.92 -4.15 17.03
N GLN B 161 33.13 -5.19 16.79
CA GLN B 161 33.18 -5.91 15.52
C GLN B 161 31.78 -6.02 14.93
N ILE B 162 31.68 -5.78 13.63
CA ILE B 162 30.43 -5.95 12.88
C ILE B 162 30.76 -6.56 11.53
N VAL B 163 29.90 -7.47 11.08
CA VAL B 163 30.09 -8.17 9.81
C VAL B 163 28.91 -7.82 8.91
N THR B 164 29.22 -7.42 7.68
CA THR B 164 28.22 -6.90 6.76
C THR B 164 28.24 -7.69 5.45
N SER B 165 27.07 -7.83 4.85
CA SER B 165 26.92 -8.40 3.51
C SER B 165 26.44 -7.29 2.59
N SER B 166 26.93 -7.31 1.35
CA SER B 166 26.68 -6.20 0.44
C SER B 166 26.30 -6.74 -0.94
N GLY B 167 25.65 -5.86 -1.72
CA GLY B 167 25.32 -6.23 -3.08
C GLY B 167 26.53 -6.66 -3.87
N ASP B 168 27.63 -5.94 -3.72
CA ASP B 168 28.91 -6.44 -4.21
C ASP B 168 29.17 -7.79 -3.58
N THR B 169 29.64 -8.74 -4.38
CA THR B 169 29.59 -10.14 -3.95
C THR B 169 30.64 -10.38 -2.88
N THR B 170 30.44 -9.81 -1.70
CA THR B 170 31.44 -9.87 -0.65
C THR B 170 30.79 -9.55 0.70
N CYS B 171 31.30 -10.18 1.74
CA CYS B 171 31.05 -9.80 3.12
C CYS B 171 32.37 -9.38 3.75
N ALA B 172 32.28 -8.60 4.82
CA ALA B 172 33.48 -8.05 5.44
C ALA B 172 33.27 -7.94 6.94
N LEU B 173 34.38 -8.01 7.67
CA LEU B 173 34.39 -7.74 9.10
C LEU B 173 35.06 -6.40 9.34
N TRP B 174 34.42 -5.55 10.15
CA TRP B 174 34.90 -4.21 10.42
C TRP B 174 35.14 -4.04 11.90
N ASP B 175 36.31 -3.52 12.26
CA ASP B 175 36.53 -3.09 13.63
C ASP B 175 36.05 -1.65 13.80
N ILE B 176 35.08 -1.46 14.67
CA ILE B 176 34.39 -0.18 14.73
C ILE B 176 35.36 0.95 15.02
N GLU B 177 36.19 0.81 16.05
CA GLU B 177 37.09 1.90 16.41
C GLU B 177 38.07 2.21 15.29
N THR B 178 38.74 1.18 14.75
CA THR B 178 39.70 1.40 13.69
C THR B 178 39.04 1.70 12.35
N GLY B 179 37.76 1.38 12.20
CA GLY B 179 37.03 1.76 11.01
C GLY B 179 37.60 1.25 9.71
N GLN B 180 38.02 -0.01 9.67
CA GLN B 180 38.52 -0.61 8.44
C GLN B 180 38.17 -2.09 8.43
N GLN B 181 38.16 -2.66 7.23
CA GLN B 181 37.81 -4.06 7.04
C GLN B 181 38.95 -4.93 7.56
N THR B 182 38.79 -5.48 8.76
CA THR B 182 39.77 -6.43 9.26
C THR B 182 39.84 -7.66 8.37
N THR B 183 38.75 -8.00 7.68
CA THR B 183 38.70 -9.17 6.82
C THR B 183 37.65 -8.94 5.75
N THR B 184 37.87 -9.51 4.56
CA THR B 184 36.93 -9.43 3.46
C THR B 184 36.62 -10.83 2.97
N PHE B 185 35.34 -11.18 2.98
CA PHE B 185 34.88 -12.53 2.66
C PHE B 185 34.43 -12.59 1.20
N THR B 186 35.41 -12.55 0.30
CA THR B 186 35.13 -12.66 -1.12
C THR B 186 34.93 -14.11 -1.50
N GLY B 187 34.17 -14.34 -2.57
CA GLY B 187 33.97 -15.69 -3.07
C GLY B 187 32.58 -15.96 -3.60
N HIS B 188 31.62 -15.10 -3.30
CA HIS B 188 30.26 -15.31 -3.77
C HIS B 188 30.14 -14.88 -5.23
N THR B 189 29.31 -15.60 -5.98
CA THR B 189 29.09 -15.32 -7.40
C THR B 189 28.02 -14.27 -7.62
N GLY B 190 27.25 -13.92 -6.59
CA GLY B 190 26.19 -12.93 -6.75
C GLY B 190 26.04 -12.12 -5.50
N ASP B 191 25.03 -11.26 -5.50
CA ASP B 191 24.79 -10.37 -4.37
C ASP B 191 24.44 -11.19 -3.13
N VAL B 192 25.13 -10.92 -2.04
CA VAL B 192 24.88 -11.61 -0.77
C VAL B 192 23.78 -10.84 -0.03
N MET B 193 22.72 -11.54 0.34
CA MET B 193 21.51 -10.90 0.85
C MET B 193 21.36 -10.98 2.37
N SER B 194 21.73 -12.09 3.00
CA SER B 194 21.54 -12.23 4.43
C SER B 194 22.68 -13.05 5.01
N LEU B 195 22.98 -12.80 6.28
CA LEU B 195 24.00 -13.54 7.00
C LEU B 195 23.56 -13.74 8.44
N SER B 196 23.86 -14.92 8.97
CA SER B 196 23.48 -15.28 10.33
C SER B 196 24.71 -15.74 11.10
N LEU B 197 24.97 -15.10 12.24
CA LEU B 197 26.07 -15.50 13.09
C LEU B 197 25.68 -16.72 13.91
N ALA B 198 26.63 -17.63 14.09
CA ALA B 198 26.37 -18.80 14.91
C ALA B 198 26.27 -18.39 16.37
N PRO B 199 25.66 -19.22 17.21
CA PRO B 199 25.59 -18.86 18.64
C PRO B 199 26.96 -18.59 19.23
N ASP B 200 27.96 -19.36 18.85
CA ASP B 200 29.35 -19.01 19.08
C ASP B 200 29.82 -18.23 17.86
N THR B 201 30.40 -17.05 18.09
CA THR B 201 30.58 -16.08 17.02
C THR B 201 31.75 -16.45 16.10
N ARG B 202 32.25 -17.67 16.20
CA ARG B 202 33.40 -18.06 15.38
C ARG B 202 33.01 -18.23 13.92
N LEU B 203 31.76 -18.56 13.63
CA LEU B 203 31.29 -18.83 12.28
C LEU B 203 30.14 -17.89 11.92
N PHE B 204 29.88 -17.77 10.62
CA PHE B 204 28.70 -17.08 10.13
C PHE B 204 28.40 -17.58 8.72
N VAL B 205 27.11 -17.68 8.41
CA VAL B 205 26.64 -18.25 7.16
C VAL B 205 25.91 -17.17 6.38
N SER B 206 26.25 -17.03 5.11
CA SER B 206 25.67 -16.00 4.25
C SER B 206 25.09 -16.64 3.00
N GLY B 207 23.86 -16.28 2.68
CA GLY B 207 23.23 -16.70 1.45
C GLY B 207 23.21 -15.54 0.48
N ALA B 208 23.24 -15.85 -0.82
CA ALA B 208 23.42 -14.83 -1.84
C ALA B 208 22.51 -15.12 -3.03
N CYS B 209 22.48 -14.16 -3.94
CA CYS B 209 21.69 -14.28 -5.15
C CYS B 209 22.25 -15.33 -6.10
N ASP B 210 23.45 -15.83 -5.84
CA ASP B 210 24.04 -16.88 -6.65
C ASP B 210 23.44 -18.26 -6.39
N ALA B 211 22.32 -18.33 -5.66
CA ALA B 211 21.65 -19.59 -5.38
C ALA B 211 22.56 -20.55 -4.64
N SER B 212 23.28 -20.02 -3.65
CA SER B 212 24.14 -20.82 -2.79
C SER B 212 24.24 -20.16 -1.43
N ALA B 213 24.54 -20.99 -0.43
CA ALA B 213 24.84 -20.52 0.91
C ALA B 213 26.26 -20.95 1.26
N LYS B 214 26.96 -20.12 2.01
CA LYS B 214 28.37 -20.35 2.31
C LYS B 214 28.66 -20.08 3.77
N LEU B 215 29.42 -20.97 4.39
CA LEU B 215 29.84 -20.85 5.78
C LEU B 215 31.28 -20.36 5.82
N TRP B 216 31.57 -19.44 6.74
CA TRP B 216 32.88 -18.81 6.81
C TRP B 216 33.36 -18.79 8.25
N ASP B 217 34.68 -18.85 8.42
CA ASP B 217 35.30 -18.64 9.72
C ASP B 217 35.65 -17.16 9.85
N VAL B 218 35.16 -16.53 10.92
CA VAL B 218 35.41 -15.10 11.10
C VAL B 218 36.89 -14.84 11.30
N ARG B 219 37.56 -15.63 12.15
CA ARG B 219 38.97 -15.42 12.41
C ARG B 219 39.82 -15.81 11.20
N GLU B 220 39.58 -16.99 10.64
CA GLU B 220 40.41 -17.48 9.56
C GLU B 220 40.20 -16.72 8.26
N GLY B 221 39.00 -16.18 8.04
CA GLY B 221 38.79 -15.29 6.92
C GLY B 221 38.63 -15.95 5.57
N MET B 222 38.24 -17.22 5.51
CA MET B 222 37.99 -17.87 4.24
C MET B 222 36.87 -18.89 4.40
N CYS B 223 36.27 -19.25 3.28
CA CYS B 223 35.06 -20.06 3.30
C CYS B 223 35.38 -21.50 3.66
N ARG B 224 34.62 -22.07 4.57
CA ARG B 224 34.82 -23.46 4.92
C ARG B 224 34.00 -24.33 4.00
N GLN B 225 32.72 -24.00 3.82
CA GLN B 225 31.80 -24.86 3.09
C GLN B 225 30.85 -24.02 2.26
N THR B 226 30.33 -24.61 1.20
CA THR B 226 29.30 -24.00 0.37
C THR B 226 28.20 -25.01 0.15
N PHE B 227 26.96 -24.52 0.04
CA PHE B 227 25.80 -25.38 -0.12
C PHE B 227 24.93 -24.86 -1.27
N THR B 228 24.19 -25.78 -1.89
CA THR B 228 23.35 -25.45 -3.01
C THR B 228 22.17 -26.42 -3.07
N GLY B 229 21.20 -26.09 -3.93
CA GLY B 229 20.03 -26.92 -4.12
C GLY B 229 18.78 -26.06 -4.17
N HIS B 230 18.78 -24.99 -3.40
CA HIS B 230 17.76 -23.97 -3.53
C HIS B 230 17.90 -23.26 -4.88
N GLU B 231 16.74 -22.97 -5.49
CA GLU B 231 16.71 -22.72 -6.93
C GLU B 231 17.15 -21.31 -7.30
N SER B 232 16.38 -20.31 -6.89
CA SER B 232 16.49 -18.97 -7.47
C SER B 232 17.41 -18.05 -6.69
N ASP B 233 17.07 -17.77 -5.43
CA ASP B 233 17.79 -16.77 -4.67
C ASP B 233 17.58 -17.03 -3.19
N ILE B 234 18.48 -16.49 -2.37
CA ILE B 234 18.33 -16.57 -0.92
C ILE B 234 18.11 -15.17 -0.39
N ASN B 235 16.88 -14.87 -0.02
CA ASN B 235 16.57 -13.60 0.62
C ASN B 235 16.97 -13.61 2.09
N ALA B 236 16.97 -14.77 2.72
CA ALA B 236 17.12 -14.88 4.16
C ALA B 236 17.92 -16.11 4.54
N ILE B 237 18.51 -16.06 5.73
CA ILE B 237 19.39 -17.11 6.24
C ILE B 237 19.41 -17.00 7.75
N CYS B 238 19.37 -18.14 8.43
CA CYS B 238 19.37 -18.15 9.88
C CYS B 238 20.00 -19.43 10.39
N PHE B 239 20.66 -19.33 11.54
CA PHE B 239 21.29 -20.49 12.16
C PHE B 239 20.29 -21.21 13.06
N PHE B 240 20.41 -22.53 13.12
CA PHE B 240 19.70 -23.28 14.13
C PHE B 240 20.30 -22.94 15.50
N PRO B 241 19.49 -22.85 16.55
CA PRO B 241 20.01 -22.36 17.83
C PRO B 241 21.26 -23.06 18.33
N ASN B 242 21.58 -24.24 17.80
CA ASN B 242 22.73 -25.00 18.24
C ASN B 242 24.00 -24.64 17.48
N GLY B 243 23.87 -24.20 16.23
CA GLY B 243 25.04 -23.94 15.40
C GLY B 243 25.49 -25.12 14.58
N ASN B 244 24.65 -26.13 14.41
CA ASN B 244 24.99 -27.29 13.61
C ASN B 244 24.29 -27.27 12.24
N ALA B 245 23.20 -26.53 12.11
CA ALA B 245 22.47 -26.46 10.85
C ALA B 245 21.89 -25.07 10.71
N PHE B 246 21.66 -24.67 9.47
CA PHE B 246 21.13 -23.36 9.15
C PHE B 246 20.03 -23.51 8.11
N ALA B 247 18.96 -22.74 8.27
CA ALA B 247 17.83 -22.80 7.36
C ALA B 247 17.94 -21.69 6.33
N THR B 248 17.61 -22.02 5.09
CA THR B 248 17.76 -21.12 3.96
C THR B 248 16.38 -20.71 3.49
N GLY B 249 16.10 -19.41 3.48
CA GLY B 249 14.86 -18.91 2.96
C GLY B 249 15.03 -18.45 1.51
N SER B 250 14.52 -19.23 0.57
CA SER B 250 14.80 -18.99 -0.82
C SER B 250 13.73 -18.12 -1.47
N ASP B 251 14.11 -17.45 -2.54
CA ASP B 251 13.19 -16.63 -3.31
C ASP B 251 12.28 -17.43 -4.19
N ASP B 252 12.37 -18.77 -4.18
CA ASP B 252 11.49 -19.61 -4.97
C ASP B 252 10.85 -20.65 -4.04
N ALA B 253 9.81 -20.22 -3.32
CA ALA B 253 8.80 -21.12 -2.76
C ALA B 253 9.34 -22.19 -1.82
N THR B 254 10.64 -22.21 -1.54
CA THR B 254 11.23 -23.27 -0.73
C THR B 254 12.04 -22.69 0.40
N CYS B 255 11.86 -23.25 1.59
CA CYS B 255 12.76 -23.04 2.72
C CYS B 255 13.43 -24.37 3.03
N ARG B 256 14.76 -24.36 3.09
CA ARG B 256 15.54 -25.59 3.20
C ARG B 256 16.49 -25.49 4.37
N LEU B 257 16.68 -26.60 5.08
CA LEU B 257 17.56 -26.66 6.24
C LEU B 257 18.81 -27.45 5.90
N PHE B 258 19.97 -26.82 6.04
CA PHE B 258 21.26 -27.42 5.73
C PHE B 258 22.02 -27.62 7.03
N ASP B 259 22.76 -28.74 7.13
CA ASP B 259 23.60 -28.98 8.29
C ASP B 259 25.05 -28.80 7.90
N LEU B 260 25.83 -28.23 8.82
CA LEU B 260 27.22 -27.91 8.52
C LEU B 260 28.06 -29.18 8.40
N ARG B 261 28.17 -29.96 9.48
CA ARG B 261 29.06 -31.10 9.47
C ARG B 261 28.65 -32.16 8.46
N ALA B 262 27.38 -32.53 8.41
CA ALA B 262 26.93 -33.46 7.36
C ALA B 262 27.07 -32.81 5.99
N ASP B 263 26.72 -31.54 5.88
CA ASP B 263 26.90 -30.77 4.65
C ASP B 263 26.03 -31.34 3.54
N GLN B 264 24.71 -31.35 3.78
CA GLN B 264 23.74 -31.60 2.72
C GLN B 264 22.43 -30.92 3.10
N GLU B 265 21.50 -30.95 2.14
CA GLU B 265 20.15 -30.45 2.35
C GLU B 265 19.36 -31.42 3.23
N LEU B 266 19.30 -31.15 4.53
CA LEU B 266 18.62 -32.08 5.44
C LEU B 266 17.12 -32.15 5.15
N MET B 267 16.55 -31.08 4.63
CA MET B 267 15.13 -31.04 4.31
C MET B 267 14.84 -29.84 3.42
N THR B 268 13.67 -29.91 2.77
CA THR B 268 13.21 -28.83 1.91
C THR B 268 11.75 -28.57 2.31
N TYR B 269 11.52 -27.51 3.07
CA TYR B 269 10.16 -27.15 3.45
C TYR B 269 9.51 -26.38 2.31
N SER B 270 8.42 -26.94 1.77
CA SER B 270 7.68 -26.29 0.71
C SER B 270 6.32 -26.97 0.58
N HIS B 271 5.38 -26.26 -0.04
CA HIS B 271 4.04 -26.78 -0.23
C HIS B 271 3.54 -26.35 -1.60
N ASP B 272 2.58 -27.12 -2.13
CA ASP B 272 2.10 -26.88 -3.49
C ASP B 272 1.42 -25.52 -3.61
N ASN B 273 0.59 -25.17 -2.63
CA ASN B 273 -0.20 -23.94 -2.75
C ASN B 273 0.70 -22.72 -2.80
N ILE B 274 1.73 -22.67 -1.97
CA ILE B 274 2.56 -21.47 -1.86
C ILE B 274 3.39 -21.29 -3.12
N ILE B 275 3.30 -20.10 -3.70
CA ILE B 275 4.13 -19.73 -4.84
C ILE B 275 5.03 -18.54 -4.54
N CYS B 276 4.80 -17.83 -3.43
CA CYS B 276 5.59 -16.65 -3.09
C CYS B 276 7.01 -17.03 -2.72
N GLY B 277 7.89 -16.03 -2.71
CA GLY B 277 9.24 -16.24 -2.26
C GLY B 277 9.40 -15.91 -0.78
N ILE B 278 10.34 -16.61 -0.15
CA ILE B 278 10.58 -16.42 1.29
C ILE B 278 11.39 -15.15 1.49
N THR B 279 10.90 -14.27 2.34
CA THR B 279 11.61 -13.02 2.59
C THR B 279 12.46 -13.04 3.88
N SER B 280 12.00 -13.73 4.92
CA SER B 280 12.79 -13.83 6.14
C SER B 280 12.53 -15.17 6.79
N VAL B 281 13.53 -15.69 7.49
CA VAL B 281 13.45 -17.00 8.13
C VAL B 281 14.15 -16.93 9.47
N SER B 282 13.57 -17.58 10.48
CA SER B 282 14.16 -17.63 11.80
C SER B 282 13.63 -18.84 12.54
N PHE B 283 14.42 -19.33 13.49
CA PHE B 283 14.02 -20.42 14.34
C PHE B 283 13.51 -19.91 15.68
N SER B 284 12.54 -20.62 16.24
CA SER B 284 12.23 -20.46 17.66
C SER B 284 13.24 -21.24 18.48
N LYS B 285 13.37 -20.88 19.75
CA LYS B 285 14.27 -21.61 20.62
C LYS B 285 13.88 -23.08 20.63
N SER B 286 14.90 -23.95 20.67
CA SER B 286 14.71 -25.38 20.48
C SER B 286 14.51 -25.70 19.01
N GLY B 287 14.41 -24.68 18.17
CA GLY B 287 14.45 -24.84 16.74
C GLY B 287 13.36 -25.67 16.12
N ARG B 288 12.46 -26.24 16.92
CA ARG B 288 11.42 -27.09 16.33
C ARG B 288 10.52 -26.27 15.41
N LEU B 289 10.42 -24.97 15.66
CA LEU B 289 9.55 -24.08 14.90
C LEU B 289 10.42 -23.20 14.01
N LEU B 290 10.26 -23.34 12.69
CA LEU B 290 11.03 -22.57 11.73
C LEU B 290 10.09 -21.53 11.12
N LEU B 291 9.99 -20.39 11.78
CA LEU B 291 9.16 -19.34 11.25
C LEU B 291 9.69 -18.91 9.90
N ALA B 292 8.80 -18.72 8.94
CA ALA B 292 9.18 -18.33 7.58
C ALA B 292 8.24 -17.22 7.11
N GLY B 293 8.82 -16.09 6.71
CA GLY B 293 8.05 -15.00 6.14
C GLY B 293 7.97 -15.14 4.63
N TYR B 294 6.83 -14.73 4.08
CA TYR B 294 6.53 -14.93 2.67
C TYR B 294 6.20 -13.60 2.00
N ASP B 295 6.14 -13.61 0.67
CA ASP B 295 5.76 -12.41 -0.07
C ASP B 295 4.25 -12.26 -0.04
N ASP B 296 3.53 -13.36 0.18
CA ASP B 296 2.07 -13.31 0.17
C ASP B 296 1.52 -12.77 1.49
N PHE B 297 2.05 -11.65 1.95
CA PHE B 297 1.58 -10.93 3.13
C PHE B 297 1.19 -11.88 4.26
N ASN B 298 1.95 -12.96 4.44
CA ASN B 298 1.69 -13.91 5.52
C ASN B 298 3.02 -14.49 5.99
N CYS B 299 3.02 -14.95 7.24
CA CYS B 299 4.15 -15.66 7.81
C CYS B 299 3.72 -17.07 8.17
N ASN B 300 4.50 -18.05 7.73
CA ASN B 300 4.19 -19.45 7.91
C ASN B 300 5.04 -20.03 9.03
N VAL B 301 4.44 -20.98 9.72
CA VAL B 301 5.14 -21.65 10.78
C VAL B 301 5.42 -23.02 10.22
N TRP B 302 6.67 -23.43 10.24
CA TRP B 302 7.10 -24.73 9.75
C TRP B 302 7.71 -25.53 10.87
N ASP B 303 7.23 -26.76 11.07
CA ASP B 303 7.88 -27.69 11.99
C ASP B 303 9.23 -28.04 11.40
N ALA B 304 10.30 -27.59 12.05
CA ALA B 304 11.64 -27.71 11.47
C ALA B 304 12.02 -29.15 11.17
N LEU B 305 11.47 -30.12 11.92
CA LEU B 305 11.90 -31.51 11.79
C LEU B 305 10.94 -32.32 10.93
N LYS B 306 9.66 -32.39 11.31
CA LYS B 306 8.74 -33.17 10.52
C LYS B 306 8.37 -32.49 9.21
N ALA B 307 8.76 -31.23 9.02
CA ALA B 307 8.64 -30.55 7.73
C ALA B 307 7.18 -30.40 7.29
N ASP B 308 6.32 -30.00 8.23
CA ASP B 308 4.91 -29.75 7.94
C ASP B 308 4.53 -28.37 8.46
N ARG B 309 3.55 -27.76 7.80
CA ARG B 309 3.10 -26.43 8.18
C ARG B 309 2.31 -26.48 9.48
N ALA B 310 2.99 -26.22 10.60
CA ALA B 310 2.33 -26.33 11.90
C ALA B 310 1.45 -25.12 12.19
N GLY B 311 1.57 -24.06 11.41
CA GLY B 311 0.74 -22.90 11.66
C GLY B 311 0.95 -21.84 10.61
N VAL B 312 0.11 -20.82 10.67
CA VAL B 312 0.17 -19.68 9.76
C VAL B 312 -0.16 -18.42 10.55
N LEU B 313 0.58 -17.36 10.29
CA LEU B 313 0.34 -16.04 10.89
C LEU B 313 -0.09 -15.09 9.78
N ALA B 314 -1.18 -14.35 10.02
CA ALA B 314 -1.78 -13.50 9.00
C ALA B 314 -2.32 -12.25 9.66
N GLY B 315 -1.54 -11.18 9.66
CA GLY B 315 -2.03 -9.91 10.14
C GLY B 315 -1.49 -8.71 9.38
N HIS B 316 -0.73 -8.96 8.31
CA HIS B 316 -0.10 -7.90 7.56
C HIS B 316 -0.75 -7.76 6.19
N ASP B 317 -0.92 -6.52 5.75
CA ASP B 317 -1.54 -6.24 4.47
C ASP B 317 -0.57 -6.31 3.31
N ASN B 318 0.71 -6.55 3.57
CA ASN B 318 1.72 -6.53 2.51
C ASN B 318 2.87 -7.46 2.89
N ARG B 319 3.87 -7.49 2.02
CA ARG B 319 5.04 -8.34 2.18
C ARG B 319 5.67 -8.19 3.55
N VAL B 320 5.85 -9.31 4.25
CA VAL B 320 6.59 -9.30 5.51
C VAL B 320 8.08 -9.35 5.19
N SER B 321 8.83 -8.39 5.71
CA SER B 321 10.24 -8.31 5.36
C SER B 321 11.20 -8.85 6.41
N CYS B 322 10.83 -8.77 7.67
CA CYS B 322 11.74 -9.19 8.74
C CYS B 322 10.95 -9.96 9.78
N LEU B 323 11.61 -10.96 10.36
CA LEU B 323 10.94 -11.95 11.20
C LEU B 323 11.77 -12.21 12.46
N GLY B 324 12.20 -11.15 13.13
CA GLY B 324 12.99 -11.30 14.33
C GLY B 324 12.31 -12.10 15.43
N VAL B 325 13.03 -13.06 15.99
CA VAL B 325 12.56 -13.85 17.13
C VAL B 325 13.36 -13.48 18.35
N THR B 326 12.69 -13.34 19.49
CA THR B 326 13.35 -12.91 20.71
C THR B 326 14.40 -13.92 21.16
N ASP B 327 15.40 -13.43 21.88
CA ASP B 327 16.45 -14.31 22.38
C ASP B 327 15.90 -15.34 23.35
N ASP B 328 14.95 -14.96 24.19
CA ASP B 328 14.34 -15.91 25.11
C ASP B 328 13.28 -16.78 24.44
N GLY B 329 12.94 -16.49 23.18
CA GLY B 329 11.97 -17.30 22.47
C GLY B 329 10.53 -17.02 22.83
N MET B 330 10.25 -15.91 23.50
CA MET B 330 8.91 -15.62 23.97
C MET B 330 8.16 -14.68 23.04
N ALA B 331 8.70 -14.34 21.88
CA ALA B 331 7.96 -13.55 20.91
C ALA B 331 8.56 -13.71 19.52
N VAL B 332 7.71 -13.56 18.52
CA VAL B 332 8.10 -13.53 17.12
C VAL B 332 7.62 -12.20 16.55
N ALA B 333 8.57 -11.36 16.14
CA ALA B 333 8.25 -10.05 15.59
C ALA B 333 8.26 -10.11 14.07
N THR B 334 7.30 -9.41 13.46
CA THR B 334 7.09 -9.50 12.02
C THR B 334 6.91 -8.07 11.48
N GLY B 335 7.96 -7.55 10.85
CA GLY B 335 7.83 -6.33 10.10
C GLY B 335 7.22 -6.57 8.74
N SER B 336 6.74 -5.50 8.12
CA SER B 336 6.06 -5.63 6.84
C SER B 336 6.18 -4.33 6.07
N TRP B 337 5.96 -4.43 4.75
CA TRP B 337 5.94 -3.24 3.92
C TRP B 337 4.75 -2.35 4.26
N ASP B 338 3.79 -2.86 5.02
CA ASP B 338 2.62 -2.10 5.44
C ASP B 338 2.90 -1.15 6.60
N SER B 339 4.17 -0.93 6.94
CA SER B 339 4.61 0.03 7.93
C SER B 339 4.36 -0.41 9.37
N PHE B 340 3.91 -1.64 9.60
CA PHE B 340 3.55 -2.10 10.93
C PHE B 340 4.41 -3.28 11.34
N LEU B 341 4.69 -3.35 12.64
CA LEU B 341 5.61 -4.32 13.23
C LEU B 341 4.88 -5.02 14.37
N LYS B 342 4.44 -6.25 14.13
CA LYS B 342 3.57 -6.95 15.07
C LYS B 342 4.33 -8.03 15.82
N ILE B 343 4.14 -8.05 17.14
CA ILE B 343 4.80 -9.01 18.02
C ILE B 343 3.81 -10.14 18.31
N TRP B 344 4.24 -11.38 18.08
CA TRP B 344 3.39 -12.55 18.23
C TRP B 344 3.89 -13.42 19.37
N ASN B 345 2.95 -14.03 20.10
CA ASN B 345 3.29 -14.97 21.17
C ASN B 345 2.09 -15.89 21.39
N GLY B 346 2.38 -17.16 21.61
CA GLY B 346 1.34 -18.17 21.77
C GLY B 346 0.32 -17.83 22.83
N ILE C 9 42.65 -17.31 -14.78
CA ILE C 9 44.04 -17.48 -14.28
C ILE C 9 44.07 -17.47 -12.76
N ALA C 10 44.27 -16.29 -12.17
CA ALA C 10 44.28 -16.19 -10.71
C ALA C 10 42.92 -16.58 -10.13
N GLN C 11 41.84 -16.15 -10.77
CA GLN C 11 40.51 -16.51 -10.30
C GLN C 11 40.30 -18.02 -10.36
N ALA C 12 40.73 -18.64 -11.46
CA ALA C 12 40.61 -20.09 -11.57
C ALA C 12 41.46 -20.79 -10.52
N ARG C 13 42.68 -20.28 -10.29
CA ARG C 13 43.51 -20.85 -9.24
C ARG C 13 42.79 -20.81 -7.89
N LYS C 14 42.26 -19.63 -7.52
CA LYS C 14 41.57 -19.49 -6.25
C LYS C 14 40.36 -20.41 -6.17
N LEU C 15 39.62 -20.54 -7.28
CA LEU C 15 38.48 -21.44 -7.30
C LEU C 15 38.91 -22.88 -7.03
N VAL C 16 40.02 -23.30 -7.64
CA VAL C 16 40.52 -24.66 -7.42
C VAL C 16 40.89 -24.85 -5.95
N GLU C 17 41.60 -23.89 -5.37
CA GLU C 17 41.99 -24.04 -3.97
C GLU C 17 40.75 -24.09 -3.08
N GLN C 18 39.76 -23.24 -3.36
CA GLN C 18 38.55 -23.23 -2.56
C GLN C 18 37.83 -24.56 -2.64
N LEU C 19 37.74 -25.14 -3.83
CA LEU C 19 37.12 -26.45 -3.98
C LEU C 19 37.87 -27.49 -3.18
N LYS C 20 39.21 -27.44 -3.23
CA LYS C 20 40.01 -28.40 -2.48
C LYS C 20 39.75 -28.29 -0.98
N MET C 21 39.77 -27.06 -0.45
CA MET C 21 39.57 -26.90 0.98
C MET C 21 38.16 -27.33 1.39
N GLU C 22 37.16 -27.04 0.54
CA GLU C 22 35.82 -27.51 0.83
C GLU C 22 35.76 -29.03 0.88
N ALA C 23 36.44 -29.69 -0.06
CA ALA C 23 36.44 -31.15 -0.09
C ALA C 23 37.12 -31.72 1.14
N ASN C 24 38.16 -31.05 1.63
CA ASN C 24 39.00 -31.62 2.68
C ASN C 24 38.26 -31.85 4.01
N ILE C 25 37.09 -31.25 4.17
CA ILE C 25 36.37 -31.36 5.45
C ILE C 25 35.95 -32.79 5.81
N ASP C 26 35.91 -33.09 7.09
CA ASP C 26 35.51 -34.43 7.55
C ASP C 26 33.99 -34.48 7.71
N ARG C 27 33.34 -34.91 6.63
CA ARG C 27 31.88 -35.04 6.62
C ARG C 27 31.42 -36.10 7.61
N ILE C 28 30.21 -35.94 8.15
CA ILE C 28 29.60 -36.91 9.05
C ILE C 28 28.34 -37.45 8.39
N LYS C 29 27.96 -38.67 8.77
CA LYS C 29 26.79 -39.31 8.21
C LYS C 29 25.52 -38.51 8.54
N VAL C 30 24.56 -38.54 7.61
CA VAL C 30 23.32 -37.79 7.79
C VAL C 30 22.56 -38.31 8.99
N SER C 31 22.61 -39.63 9.23
CA SER C 31 21.88 -40.19 10.36
C SER C 31 22.33 -39.57 11.67
N LYS C 32 23.65 -39.42 11.86
CA LYS C 32 24.16 -38.84 13.08
C LYS C 32 23.75 -37.38 13.20
N ALA C 33 23.83 -36.62 12.10
CA ALA C 33 23.44 -35.22 12.15
C ALA C 33 21.97 -35.06 12.51
N ALA C 34 21.10 -35.85 11.87
CA ALA C 34 19.68 -35.78 12.19
C ALA C 34 19.43 -36.22 13.62
N ALA C 35 20.17 -37.22 14.10
CA ALA C 35 20.01 -37.64 15.48
C ALA C 35 20.38 -36.51 16.44
N ASP C 36 21.46 -35.80 16.16
CA ASP C 36 21.85 -34.69 17.02
C ASP C 36 20.82 -33.58 16.99
N LEU C 37 20.30 -33.26 15.80
CA LEU C 37 19.29 -32.21 15.69
C LEU C 37 18.03 -32.59 16.45
N MET C 38 17.58 -33.84 16.29
CA MET C 38 16.42 -34.32 17.01
C MET C 38 16.65 -34.31 18.52
N ALA C 39 17.84 -34.73 18.95
CA ALA C 39 18.14 -34.74 20.38
C ALA C 39 18.12 -33.34 20.95
N TYR C 40 18.67 -32.37 20.23
CA TYR C 40 18.61 -30.99 20.70
C TYR C 40 17.17 -30.50 20.77
N CYS C 41 16.36 -30.82 19.77
CA CYS C 41 14.95 -30.40 19.83
C CYS C 41 14.25 -31.03 21.02
N GLU C 42 14.49 -32.32 21.27
CA GLU C 42 13.87 -32.98 22.41
C GLU C 42 14.33 -32.37 23.73
N ALA C 43 15.62 -32.03 23.82
CA ALA C 43 16.16 -31.47 25.04
C ALA C 43 15.51 -30.15 25.42
N HIS C 44 14.84 -29.49 24.49
CA HIS C 44 14.11 -28.26 24.76
C HIS C 44 12.67 -28.34 24.28
N ALA C 45 12.11 -29.55 24.16
CA ALA C 45 10.77 -29.72 23.64
C ALA C 45 9.71 -29.02 24.46
N LYS C 46 9.95 -28.80 25.76
CA LYS C 46 9.00 -28.08 26.61
C LYS C 46 9.57 -26.78 27.15
N GLU C 47 10.77 -26.38 26.73
CA GLU C 47 11.37 -25.12 27.17
C GLU C 47 11.23 -24.01 26.15
N ASP C 48 10.71 -24.30 24.96
CA ASP C 48 10.47 -23.27 23.96
C ASP C 48 9.12 -22.62 24.22
N PRO C 49 9.06 -21.32 24.47
CA PRO C 49 7.76 -20.67 24.70
C PRO C 49 6.80 -20.86 23.54
N LEU C 50 7.27 -20.80 22.30
CA LEU C 50 6.39 -20.89 21.16
C LEU C 50 5.94 -22.32 20.87
N LEU C 51 6.79 -23.31 21.11
CA LEU C 51 6.37 -24.69 20.94
C LEU C 51 5.29 -25.07 21.96
N THR C 52 5.46 -24.65 23.20
CA THR C 52 4.48 -24.89 24.26
C THR C 52 4.23 -23.57 24.98
N PRO C 53 3.10 -22.91 24.77
CA PRO C 53 2.89 -21.59 25.37
C PRO C 53 2.92 -21.66 26.90
N VAL C 54 3.43 -20.59 27.50
CA VAL C 54 3.54 -20.49 28.96
C VAL C 54 2.23 -19.94 29.51
N PRO C 55 1.98 -20.03 30.82
CA PRO C 55 0.80 -19.37 31.39
C PRO C 55 0.83 -17.88 31.14
N ALA C 56 -0.37 -17.32 30.94
CA ALA C 56 -0.48 -15.90 30.55
C ALA C 56 0.27 -14.98 31.50
N SER C 57 0.28 -15.29 32.80
CA SER C 57 1.02 -14.45 33.74
C SER C 57 2.51 -14.45 33.44
N GLU C 58 3.08 -15.63 33.16
CA GLU C 58 4.51 -15.71 32.86
C GLU C 58 4.87 -15.12 31.50
N ASN C 59 3.89 -14.96 30.61
CA ASN C 59 4.13 -14.30 29.34
C ASN C 59 4.50 -12.85 29.63
N PRO C 60 5.67 -12.36 29.17
CA PRO C 60 6.07 -11.01 29.53
C PRO C 60 5.29 -9.92 28.80
N PHE C 61 4.32 -10.30 27.96
CA PHE C 61 3.43 -9.34 27.34
C PHE C 61 2.03 -9.36 27.93
N ARG C 62 1.63 -10.49 28.53
CA ARG C 62 0.36 -10.59 29.25
C ARG C 62 -0.79 -10.00 28.44
N SER D 1 -44.30 15.45 14.40
CA SER D 1 -44.67 16.53 15.29
C SER D 1 -46.09 16.33 15.79
N TYR D 2 -46.96 15.80 14.93
CA TYR D 2 -48.32 15.51 15.35
C TYR D 2 -48.68 14.04 15.20
N SER D 3 -47.74 13.20 14.73
CA SER D 3 -47.95 11.76 14.66
C SER D 3 -46.67 11.13 14.13
N MET D 4 -46.52 9.83 14.38
CA MET D 4 -45.42 9.09 13.80
C MET D 4 -45.74 8.76 12.34
N GLU D 5 -45.02 9.40 11.43
CA GLU D 5 -45.10 9.08 10.02
C GLU D 5 -43.75 8.58 9.56
N HIS D 6 -43.76 7.67 8.58
CA HIS D 6 -42.56 6.91 8.26
C HIS D 6 -41.38 7.81 7.90
N PHE D 7 -41.63 9.01 7.41
CA PHE D 7 -40.58 10.00 7.23
C PHE D 7 -41.14 11.35 7.67
N ARG D 8 -40.41 12.41 7.34
CA ARG D 8 -40.84 13.77 7.61
C ARG D 8 -41.31 14.42 6.31
N TRP D 9 -42.16 15.43 6.46
CA TRP D 9 -42.77 16.14 5.34
C TRP D 9 -43.73 15.26 4.56
N GLY D 10 -44.27 14.21 5.19
CA GLY D 10 -45.15 13.32 4.47
C GLY D 10 -46.46 13.97 4.06
N LYS D 11 -47.04 14.76 4.94
CA LYS D 11 -48.32 15.40 4.71
C LYS D 11 -48.24 16.86 5.11
N PRO D 12 -49.12 17.71 4.59
CA PRO D 12 -49.09 19.12 4.96
C PRO D 12 -49.64 19.35 6.35
N VAL D 13 -49.51 20.60 6.80
CA VAL D 13 -50.03 21.03 8.10
C VAL D 13 -51.03 22.15 7.85
N GLY D 14 -52.28 21.92 8.23
CA GLY D 14 -53.30 22.95 8.19
C GLY D 14 -54.11 22.96 9.47
N LYS D 15 -55.26 23.64 9.46
CA LYS D 15 -56.09 23.78 10.64
C LYS D 15 -57.27 22.81 10.52
N LYS D 16 -57.09 21.62 11.09
CA LYS D 16 -58.13 20.60 11.11
C LYS D 16 -59.06 20.77 12.31
N ARG D 17 -59.60 21.97 12.48
CA ARG D 17 -60.46 22.26 13.61
C ARG D 17 -61.78 21.51 13.48
N ARG D 18 -62.29 21.02 14.61
CA ARG D 18 -63.54 20.28 14.64
C ARG D 18 -64.39 20.70 15.84
N SER E 25 -66.03 21.44 21.44
CA SER E 25 -65.32 20.63 20.40
C SER E 25 -63.95 21.22 20.11
N TYR E 26 -63.32 20.75 19.03
CA TYR E 26 -62.00 21.21 18.65
C TYR E 26 -62.07 22.59 18.01
N GLU E 27 -60.93 23.25 17.96
CA GLU E 27 -60.81 24.57 17.35
C GLU E 27 -59.33 24.90 17.18
N TYR E 28 -58.99 25.48 16.04
CA TYR E 28 -57.62 25.82 15.70
C TYR E 28 -56.69 24.65 15.95
N TYR E 29 -57.13 23.48 15.45
CA TYR E 29 -56.44 22.21 15.68
C TYR E 29 -55.51 21.94 14.50
N LEU E 30 -54.25 22.33 14.65
CA LEU E 30 -53.26 22.07 13.61
C LEU E 30 -52.86 20.60 13.62
N ASP E 31 -52.89 19.96 12.46
CA ASP E 31 -52.63 18.53 12.36
C ASP E 31 -52.26 18.21 10.92
N TYR E 32 -51.73 17.01 10.72
CA TYR E 32 -51.41 16.52 9.39
C TYR E 32 -52.67 16.32 8.56
N LEU E 33 -52.89 17.20 7.58
CA LEU E 33 -54.02 17.02 6.67
C LEU E 33 -53.85 15.75 5.85
N ASP E 34 -54.96 15.10 5.56
CA ASP E 34 -54.98 13.92 4.71
C ASP E 34 -54.96 14.33 3.23
N LEU E 35 -54.63 13.36 2.39
CA LEU E 35 -54.59 13.62 0.96
C LEU E 35 -55.99 13.87 0.41
N ILE E 36 -56.13 14.93 -0.37
CA ILE E 36 -57.45 15.26 -0.92
C ILE E 36 -57.97 14.08 -1.73
N PRO E 37 -59.27 13.76 -1.67
CA PRO E 37 -59.77 12.64 -2.46
C PRO E 37 -59.86 12.96 -3.94
N VAL E 38 -58.74 12.85 -4.65
CA VAL E 38 -58.72 13.13 -6.07
C VAL E 38 -59.54 12.07 -6.81
N ASP E 39 -60.40 12.52 -7.72
CA ASP E 39 -61.21 11.65 -8.56
C ASP E 39 -60.73 11.80 -10.00
N GLU E 40 -60.30 10.69 -10.60
CA GLU E 40 -59.67 10.74 -11.91
C GLU E 40 -60.64 11.25 -12.98
N LYS E 41 -61.93 10.95 -12.83
CA LYS E 41 -62.89 11.29 -13.88
C LYS E 41 -62.92 12.79 -14.14
N LYS E 42 -62.86 13.60 -13.08
CA LYS E 42 -62.85 15.05 -13.27
C LYS E 42 -61.55 15.49 -13.89
N LEU E 43 -60.44 14.84 -13.59
CA LEU E 43 -59.14 15.28 -14.08
C LEU E 43 -59.08 15.24 -15.60
N LYS E 44 -58.49 16.27 -16.19
CA LYS E 44 -58.32 16.31 -17.64
C LYS E 44 -57.13 15.48 -18.07
N ALA E 45 -55.94 15.82 -17.60
CA ALA E 45 -54.76 15.03 -17.87
C ALA E 45 -54.76 13.79 -16.98
N HIS E 46 -53.86 12.85 -17.29
CA HIS E 46 -53.78 11.62 -16.51
C HIS E 46 -53.45 11.93 -15.07
N LYS E 47 -53.97 11.12 -14.18
CA LYS E 47 -53.83 11.39 -12.75
C LYS E 47 -52.36 11.52 -12.44
N HIS E 48 -51.59 10.60 -12.95
CA HIS E 48 -50.17 10.49 -12.64
C HIS E 48 -49.31 11.39 -13.52
N SER E 49 -49.85 12.53 -13.96
CA SER E 49 -49.11 13.39 -14.87
C SER E 49 -47.77 13.80 -14.28
N ILE E 50 -47.76 14.20 -13.01
CA ILE E 50 -46.52 14.65 -12.40
C ILE E 50 -45.51 13.50 -12.32
N VAL E 51 -45.97 12.30 -11.94
CA VAL E 51 -45.05 11.18 -11.79
C VAL E 51 -44.38 10.85 -13.12
N ILE E 52 -45.20 10.66 -14.16
CA ILE E 52 -44.67 10.30 -15.46
C ILE E 52 -43.78 11.41 -16.01
N ALA E 53 -44.24 12.66 -15.90
CA ALA E 53 -43.46 13.77 -16.41
C ALA E 53 -42.11 13.85 -15.71
N PHE E 54 -42.11 13.76 -14.38
CA PHE E 54 -40.87 13.91 -13.63
C PHE E 54 -39.91 12.76 -13.91
N TRP E 55 -40.41 11.53 -13.99
CA TRP E 55 -39.49 10.43 -14.21
C TRP E 55 -38.99 10.38 -15.65
N VAL E 56 -39.83 10.73 -16.62
CA VAL E 56 -39.33 10.89 -17.99
C VAL E 56 -38.28 11.98 -18.03
N SER E 57 -38.51 13.08 -17.31
CA SER E 57 -37.54 14.17 -17.29
C SER E 57 -36.23 13.73 -16.65
N LEU E 58 -36.30 12.93 -15.59
CA LEU E 58 -35.08 12.48 -14.92
C LEU E 58 -34.31 11.49 -15.79
N ALA E 59 -35.02 10.55 -16.43
CA ALA E 59 -34.36 9.66 -17.36
C ALA E 59 -33.72 10.44 -18.51
N ALA E 60 -34.43 11.44 -19.01
CA ALA E 60 -33.89 12.28 -20.08
C ALA E 60 -32.66 13.04 -19.60
N PHE E 61 -32.69 13.54 -18.36
CA PHE E 61 -31.53 14.24 -17.82
C PHE E 61 -30.33 13.31 -17.71
N VAL E 62 -30.54 12.08 -17.23
CA VAL E 62 -29.44 11.13 -17.12
C VAL E 62 -28.89 10.80 -18.50
N VAL E 63 -29.78 10.54 -19.46
CA VAL E 63 -29.32 10.20 -20.81
C VAL E 63 -28.62 11.39 -21.45
N LEU E 64 -29.12 12.60 -21.20
CA LEU E 64 -28.47 13.80 -21.73
C LEU E 64 -27.08 13.98 -21.14
N LEU E 65 -26.92 13.74 -19.84
CA LEU E 65 -25.58 13.81 -19.25
C LEU E 65 -24.67 12.78 -19.90
N PHE E 66 -25.16 11.55 -20.06
CA PHE E 66 -24.32 10.52 -20.68
C PHE E 66 -23.92 10.92 -22.09
N LEU E 67 -24.88 11.40 -22.88
CA LEU E 67 -24.60 11.71 -24.27
C LEU E 67 -23.72 12.94 -24.41
N ILE E 68 -23.93 13.96 -23.58
CA ILE E 68 -23.11 15.16 -23.66
C ILE E 68 -21.68 14.84 -23.21
N LEU E 69 -21.53 14.01 -22.17
CA LEU E 69 -20.19 13.62 -21.75
C LEU E 69 -19.50 12.80 -22.83
N LEU E 70 -20.22 11.88 -23.47
CA LEU E 70 -19.63 11.10 -24.56
C LEU E 70 -19.23 12.00 -25.71
N TYR E 71 -20.07 12.97 -26.07
CA TYR E 71 -19.75 13.87 -27.17
C TYR E 71 -18.53 14.73 -26.83
N MET E 72 -18.46 15.24 -25.60
CA MET E 72 -17.32 16.04 -25.20
C MET E 72 -16.04 15.22 -25.21
N SER E 73 -16.11 13.96 -24.78
CA SER E 73 -14.94 13.08 -24.88
C SER E 73 -14.57 12.86 -26.35
N TRP E 74 -15.57 12.66 -27.20
CA TRP E 74 -15.32 12.41 -28.62
C TRP E 74 -14.81 13.67 -29.32
N SER E 75 -15.39 14.82 -29.00
CA SER E 75 -15.00 16.07 -29.64
C SER E 75 -13.97 16.81 -28.79
N ASN F 149 -62.44 6.83 -0.74
CA ASN F 149 -62.09 5.92 -1.87
C ASN F 149 -61.74 6.71 -3.11
N SER F 150 -60.55 7.34 -3.09
CA SER F 150 -60.11 8.20 -4.22
C SER F 150 -59.28 7.41 -5.19
N ASP F 151 -59.19 7.90 -6.40
CA ASP F 151 -58.52 7.18 -7.46
C ASP F 151 -57.03 7.03 -7.23
N CYS F 152 -56.46 7.71 -6.23
CA CYS F 152 -55.04 7.62 -5.90
C CYS F 152 -54.91 7.33 -4.42
N PRO F 153 -55.18 6.11 -4.00
CA PRO F 153 -55.00 5.77 -2.58
C PRO F 153 -53.56 5.94 -2.16
N ARG F 154 -53.37 6.34 -0.90
CA ARG F 154 -52.03 6.50 -0.35
C ARG F 154 -51.35 5.14 -0.32
N VAL F 155 -50.39 4.93 -1.21
CA VAL F 155 -49.75 3.62 -1.32
C VAL F 155 -49.03 3.30 -0.02
N VAL F 156 -49.37 2.16 0.57
CA VAL F 156 -48.75 1.69 1.80
C VAL F 156 -47.86 0.52 1.44
N LEU F 157 -46.57 0.68 1.68
CA LEU F 157 -45.63 -0.39 1.38
C LEU F 157 -45.59 -1.39 2.55
N PRO F 158 -45.38 -2.67 2.28
CA PRO F 158 -45.20 -3.61 3.38
C PRO F 158 -44.01 -3.22 4.24
N GLU F 159 -44.15 -3.41 5.55
CA GLU F 159 -43.03 -3.12 6.44
C GLU F 159 -41.82 -3.97 6.10
N GLU F 160 -42.02 -5.09 5.41
CA GLU F 160 -40.91 -5.96 5.05
C GLU F 160 -39.91 -5.24 4.17
N ILE F 161 -40.39 -4.45 3.21
CA ILE F 161 -39.45 -3.77 2.31
C ILE F 161 -38.61 -2.77 3.08
N PHE F 162 -39.24 -1.99 3.96
CA PHE F 162 -38.49 -1.05 4.79
C PHE F 162 -37.46 -1.78 5.63
N PHE F 163 -37.88 -2.85 6.31
CA PHE F 163 -36.97 -3.58 7.18
C PHE F 163 -35.79 -4.14 6.40
N THR F 164 -36.07 -4.75 5.24
CA THR F 164 -35.00 -5.35 4.45
C THR F 164 -34.02 -4.29 3.96
N ILE F 165 -34.52 -3.18 3.42
CA ILE F 165 -33.62 -2.16 2.91
C ILE F 165 -32.78 -1.58 4.06
N SER F 166 -33.41 -1.31 5.20
CA SER F 166 -32.67 -0.74 6.31
C SER F 166 -31.61 -1.71 6.83
N ILE F 167 -31.95 -3.00 6.94
CA ILE F 167 -31.00 -3.98 7.44
C ILE F 167 -29.83 -4.12 6.47
N VAL F 168 -30.12 -4.20 5.16
CA VAL F 168 -29.06 -4.30 4.18
C VAL F 168 -28.14 -3.09 4.26
N GLY F 169 -28.73 -1.89 4.36
CA GLY F 169 -27.92 -0.69 4.45
C GLY F 169 -27.05 -0.69 5.69
N VAL F 170 -27.62 -1.05 6.84
CA VAL F 170 -26.85 -1.05 8.07
C VAL F 170 -25.69 -2.02 7.96
N LEU F 171 -25.96 -3.25 7.50
CA LEU F 171 -24.89 -4.25 7.39
C LEU F 171 -23.81 -3.79 6.41
N GLU F 172 -24.22 -3.26 5.26
CA GLU F 172 -23.25 -2.91 4.23
C GLU F 172 -22.37 -1.75 4.66
N ASN F 173 -22.99 -0.68 5.18
CA ASN F 173 -22.18 0.43 5.67
C ASN F 173 -21.37 0.02 6.89
N LEU F 174 -21.82 -1.00 7.64
CA LEU F 174 -21.03 -1.50 8.75
C LEU F 174 -19.76 -2.17 8.26
N ILE F 175 -19.85 -3.01 7.22
CA ILE F 175 -18.64 -3.61 6.67
C ILE F 175 -17.75 -2.57 6.01
N VAL F 176 -18.36 -1.52 5.46
CA VAL F 176 -17.55 -0.42 4.90
C VAL F 176 -16.76 0.26 6.02
N LEU F 177 -17.43 0.53 7.14
CA LEU F 177 -16.74 1.17 8.27
C LEU F 177 -15.67 0.26 8.84
N LEU F 178 -15.97 -1.04 8.95
CA LEU F 178 -15.01 -1.98 9.52
C LEU F 178 -13.77 -2.09 8.66
N ALA F 179 -13.94 -2.11 7.34
CA ALA F 179 -12.78 -2.12 6.46
C ALA F 179 -11.81 -1.02 6.83
N VAL F 180 -12.33 0.16 7.15
CA VAL F 180 -11.53 1.20 7.80
C VAL F 180 -11.48 0.90 9.29
N PHE F 181 -10.41 1.34 9.94
CA PHE F 181 -10.15 1.16 11.37
C PHE F 181 -9.76 -0.28 11.70
N LYS F 182 -9.85 -1.22 10.76
CA LYS F 182 -9.24 -2.53 10.88
C LYS F 182 -8.15 -2.73 9.85
N ASN F 183 -8.02 -1.72 9.01
CA ASN F 183 -6.94 -1.71 8.01
C ASN F 183 -6.33 -0.32 8.10
N LYS F 184 -5.40 -0.15 9.01
CA LYS F 184 -4.75 1.15 9.15
C LYS F 184 -4.04 1.57 7.86
N ASN F 185 -4.08 0.69 6.88
CA ASN F 185 -3.50 1.07 5.59
C ASN F 185 -4.47 2.03 4.94
N LEU F 186 -5.75 1.77 5.13
CA LEU F 186 -6.81 2.61 4.59
C LEU F 186 -7.17 3.71 5.58
N GLN F 187 -6.31 4.73 5.63
CA GLN F 187 -6.49 5.84 6.56
C GLN F 187 -6.25 7.19 5.89
N ALA F 188 -6.31 7.25 4.56
CA ALA F 188 -6.18 8.52 3.88
C ALA F 188 -7.46 9.34 4.04
N PRO F 189 -7.39 10.66 3.82
CA PRO F 189 -8.59 11.49 3.96
C PRO F 189 -9.75 11.03 3.11
N MET F 190 -9.49 10.54 1.89
CA MET F 190 -10.57 10.16 1.00
C MET F 190 -11.41 9.03 1.62
N TYR F 191 -10.73 8.08 2.24
CA TYR F 191 -11.47 6.98 2.87
C TYR F 191 -12.20 7.44 4.12
N PHE F 192 -11.72 8.50 4.78
CA PHE F 192 -12.47 9.06 5.89
C PHE F 192 -13.73 9.78 5.42
N PHE F 193 -13.66 10.44 4.26
CA PHE F 193 -14.86 11.04 3.70
C PHE F 193 -15.86 9.96 3.27
N ILE F 194 -15.35 8.88 2.69
CA ILE F 194 -16.22 7.74 2.37
C ILE F 194 -16.82 7.17 3.64
N CYS F 195 -16.05 7.15 4.73
CA CYS F 195 -16.56 6.68 6.01
C CYS F 195 -17.66 7.61 6.53
N SER F 196 -17.52 8.91 6.32
CA SER F 196 -18.58 9.84 6.69
C SER F 196 -19.86 9.54 5.92
N LEU F 197 -19.72 9.30 4.61
CA LEU F 197 -20.89 8.92 3.82
C LEU F 197 -21.52 7.64 4.35
N ALA F 198 -20.68 6.65 4.70
CA ALA F 198 -21.19 5.40 5.23
C ALA F 198 -21.91 5.61 6.55
N ILE F 199 -21.38 6.49 7.40
CA ILE F 199 -22.03 6.80 8.67
C ILE F 199 -23.38 7.44 8.43
N SER F 200 -23.46 8.33 7.44
CA SER F 200 -24.75 8.94 7.11
C SER F 200 -25.75 7.89 6.67
N ASP F 201 -25.32 6.97 5.80
CA ASP F 201 -26.22 5.90 5.35
C ASP F 201 -26.65 5.01 6.50
N MET F 202 -25.71 4.68 7.39
CA MET F 202 -26.03 3.86 8.55
C MET F 202 -27.03 4.56 9.44
N LEU F 203 -26.86 5.87 9.65
CA LEU F 203 -27.80 6.62 10.47
C LEU F 203 -29.17 6.64 9.83
N GLY F 204 -29.25 6.77 8.51
CA GLY F 204 -30.55 6.74 7.86
C GLY F 204 -31.27 5.42 8.03
N SER F 205 -30.56 4.32 7.77
CA SER F 205 -31.18 3.01 7.91
C SER F 205 -31.54 2.72 9.37
N LEU F 206 -30.68 3.14 10.29
CA LEU F 206 -30.97 2.99 11.71
C LEU F 206 -32.19 3.81 12.10
N TYR F 207 -32.34 4.98 11.49
CA TYR F 207 -33.53 5.79 11.74
C TYR F 207 -34.72 4.94 11.36
N LYS F 208 -34.64 4.29 10.20
CA LYS F 208 -35.78 3.52 9.72
C LYS F 208 -36.12 2.44 10.70
N ILE F 209 -35.10 1.71 11.12
CA ILE F 209 -35.34 0.61 12.05
C ILE F 209 -36.06 1.14 13.29
N LEU F 210 -35.57 2.26 13.83
CA LEU F 210 -36.22 2.83 15.01
C LEU F 210 -37.63 3.32 14.72
N GLU F 211 -37.85 3.93 13.56
CA GLU F 211 -39.18 4.43 13.23
C GLU F 211 -40.17 3.29 13.06
N ASN F 212 -39.75 2.21 12.42
CA ASN F 212 -40.62 1.04 12.31
C ASN F 212 -40.89 0.44 13.68
N ILE F 213 -39.88 0.36 14.54
CA ILE F 213 -40.10 -0.19 15.87
C ILE F 213 -41.10 0.68 16.63
N LEU F 214 -40.93 2.00 16.56
CA LEU F 214 -41.83 2.90 17.28
C LEU F 214 -43.24 2.86 16.69
N ILE F 215 -43.37 2.66 15.39
CA ILE F 215 -44.69 2.60 14.78
C ILE F 215 -45.40 1.32 15.18
N ILE F 216 -44.70 0.18 15.08
CA ILE F 216 -45.26 -1.09 15.57
C ILE F 216 -45.41 -1.10 17.08
N LEU F 217 -44.84 -0.12 17.79
CA LEU F 217 -45.12 0.04 19.19
C LEU F 217 -46.40 0.86 19.42
N ARG F 218 -46.52 2.01 18.76
CA ARG F 218 -47.77 2.78 18.84
C ARG F 218 -48.93 1.90 18.42
N ASN F 219 -48.89 1.37 17.21
CA ASN F 219 -49.71 0.23 16.87
C ASN F 219 -49.38 -0.90 17.83
N MET F 220 -50.40 -1.65 18.22
CA MET F 220 -50.35 -2.65 19.28
C MET F 220 -50.36 -1.97 20.64
N GLY F 221 -50.24 -0.64 20.70
CA GLY F 221 -50.65 0.12 21.86
C GLY F 221 -49.63 0.25 22.98
N TYR F 222 -48.42 -0.28 22.82
CA TYR F 222 -47.43 -0.15 23.89
C TYR F 222 -47.12 1.31 24.20
N LEU F 223 -47.34 2.22 23.27
CA LEU F 223 -47.19 3.65 23.50
C LEU F 223 -48.54 4.33 23.32
N LYS F 224 -48.76 5.40 24.07
CA LYS F 224 -50.02 6.12 23.97
C LYS F 224 -50.18 6.68 22.55
N PRO F 225 -51.40 6.66 22.00
CA PRO F 225 -51.56 7.13 20.60
C PRO F 225 -51.11 8.55 20.38
N ARG F 226 -51.09 9.40 21.40
CA ARG F 226 -50.68 10.78 21.25
C ARG F 226 -50.10 11.27 22.56
N GLY F 227 -49.43 12.42 22.49
CA GLY F 227 -48.79 13.03 23.64
C GLY F 227 -47.29 13.14 23.45
N SER F 228 -46.65 13.70 24.48
CA SER F 228 -45.19 13.81 24.47
C SER F 228 -44.54 12.45 24.29
N PHE F 229 -45.23 11.38 24.68
CA PHE F 229 -44.68 10.05 24.58
C PHE F 229 -44.51 9.59 23.14
N GLU F 230 -45.11 10.29 22.19
CA GLU F 230 -45.01 9.95 20.78
C GLU F 230 -44.53 11.11 19.91
N THR F 231 -45.00 12.33 20.19
CA THR F 231 -44.64 13.46 19.34
C THR F 231 -43.16 13.82 19.46
N THR F 232 -42.64 13.88 20.69
CA THR F 232 -41.23 14.20 20.85
C THR F 232 -40.36 13.06 20.33
N ALA F 233 -40.80 11.82 20.48
CA ALA F 233 -40.07 10.70 19.90
C ALA F 233 -40.00 10.84 18.38
N ASP F 234 -41.13 11.18 17.76
CA ASP F 234 -41.14 11.39 16.32
C ASP F 234 -40.18 12.51 15.95
N ASP F 235 -40.18 13.60 16.73
CA ASP F 235 -39.29 14.71 16.44
C ASP F 235 -37.83 14.24 16.46
N ILE F 236 -37.43 13.53 17.52
CA ILE F 236 -36.03 13.15 17.64
C ILE F 236 -35.64 12.16 16.55
N ILE F 237 -36.52 11.22 16.20
CA ILE F 237 -36.16 10.16 15.25
C ILE F 237 -36.10 10.77 13.87
N ASP F 238 -37.09 11.58 13.52
CA ASP F 238 -37.03 12.24 12.23
C ASP F 238 -35.91 13.25 12.15
N SER F 239 -35.39 13.70 13.30
CA SER F 239 -34.21 14.57 13.30
C SER F 239 -33.09 13.68 12.83
N LEU F 240 -32.95 12.50 13.44
CA LEU F 240 -31.93 11.56 12.98
C LEU F 240 -32.02 11.39 11.48
N PHE F 241 -33.24 11.27 10.95
CA PHE F 241 -33.43 11.09 9.51
C PHE F 241 -32.90 12.28 8.72
N VAL F 242 -33.30 13.48 9.11
CA VAL F 242 -32.94 14.67 8.34
C VAL F 242 -31.44 14.90 8.42
N LEU F 243 -30.83 14.72 9.59
CA LEU F 243 -29.39 14.87 9.67
C LEU F 243 -28.68 13.78 8.89
N SER F 244 -29.24 12.58 8.82
CA SER F 244 -28.65 11.55 7.97
C SER F 244 -28.67 11.99 6.51
N LEU F 245 -29.79 12.52 6.03
CA LEU F 245 -29.87 12.95 4.64
C LEU F 245 -28.87 14.07 4.36
N LEU F 246 -28.84 15.08 5.24
CA LEU F 246 -27.92 16.19 5.02
C LEU F 246 -26.48 15.76 5.10
N GLY F 247 -26.16 14.86 6.03
CA GLY F 247 -24.82 14.30 6.08
C GLY F 247 -24.46 13.55 4.83
N SER F 248 -25.42 12.82 4.26
CA SER F 248 -25.16 12.11 3.02
C SER F 248 -24.86 13.09 1.88
N ILE F 249 -25.66 14.14 1.77
CA ILE F 249 -25.44 15.10 0.69
C ILE F 249 -24.09 15.79 0.85
N PHE F 250 -23.76 16.23 2.06
CA PHE F 250 -22.50 16.93 2.26
C PHE F 250 -21.32 15.97 2.19
N SER F 251 -21.53 14.69 2.50
CA SER F 251 -20.47 13.69 2.33
C SER F 251 -20.18 13.47 0.85
N LEU F 252 -21.22 13.37 0.03
CA LEU F 252 -21.00 13.29 -1.41
C LEU F 252 -20.27 14.53 -1.90
N SER F 253 -20.69 15.70 -1.43
CA SER F 253 -20.04 16.94 -1.87
C SER F 253 -18.56 16.97 -1.50
N VAL F 254 -18.23 16.56 -0.27
CA VAL F 254 -16.83 16.62 0.15
C VAL F 254 -16.02 15.53 -0.53
N ILE F 255 -16.64 14.40 -0.86
CA ILE F 255 -15.94 13.40 -1.67
C ILE F 255 -15.59 14.00 -3.02
N ALA F 256 -16.56 14.70 -3.63
CA ALA F 256 -16.28 15.36 -4.90
C ALA F 256 -15.17 16.39 -4.76
N ALA F 257 -15.20 17.16 -3.67
CA ALA F 257 -14.18 18.19 -3.46
C ALA F 257 -12.81 17.56 -3.26
N ASP F 258 -12.73 16.48 -2.50
CA ASP F 258 -11.46 15.79 -2.30
C ASP F 258 -10.93 15.24 -3.62
N ARG F 259 -11.82 14.69 -4.44
CA ARG F 259 -11.39 14.19 -5.74
C ARG F 259 -10.90 15.33 -6.63
N TYR F 260 -11.59 16.48 -6.58
CA TYR F 260 -11.16 17.64 -7.35
C TYR F 260 -9.79 18.12 -6.89
N ILE F 261 -9.55 18.12 -5.58
CA ILE F 261 -8.24 18.55 -5.09
C ILE F 261 -7.17 17.55 -5.50
N THR F 262 -7.47 16.25 -5.45
CA THR F 262 -6.49 15.26 -5.84
C THR F 262 -6.11 15.41 -7.30
N ILE F 263 -7.08 15.66 -8.17
CA ILE F 263 -6.78 15.79 -9.59
C ILE F 263 -6.13 17.13 -9.88
N PHE F 264 -6.84 18.22 -9.62
CA PHE F 264 -6.40 19.55 -10.02
C PHE F 264 -5.41 20.19 -9.06
N HIS F 265 -5.08 19.52 -7.96
CA HIS F 265 -4.00 19.94 -7.07
C HIS F 265 -3.18 18.73 -6.66
N ALA F 266 -2.84 17.89 -7.63
CA ALA F 266 -2.26 16.59 -7.34
C ALA F 266 -0.95 16.71 -6.56
N LEU F 267 -0.02 17.52 -7.07
CA LEU F 267 1.30 17.56 -6.46
C LEU F 267 1.26 18.14 -5.05
N ARG F 268 0.23 18.90 -4.72
CA ARG F 268 0.12 19.58 -3.44
C ARG F 268 -1.07 19.10 -2.64
N TYR F 269 -1.64 17.95 -2.99
CA TYR F 269 -2.86 17.48 -2.36
C TYR F 269 -2.65 17.22 -0.87
N HIS F 270 -1.61 16.46 -0.53
CA HIS F 270 -1.41 16.08 0.85
C HIS F 270 -1.06 17.27 1.73
N SER F 271 -0.55 18.35 1.15
CA SER F 271 -0.38 19.58 1.91
C SER F 271 -1.72 20.31 2.10
N ILE F 272 -2.65 20.13 1.18
CA ILE F 272 -3.95 20.79 1.28
C ILE F 272 -4.89 19.99 2.16
N VAL F 273 -5.10 18.72 1.83
CA VAL F 273 -6.01 17.86 2.56
C VAL F 273 -5.17 17.03 3.51
N THR F 274 -4.98 17.54 4.72
CA THR F 274 -4.28 16.82 5.77
C THR F 274 -5.29 16.18 6.72
N MET F 275 -4.78 15.29 7.59
CA MET F 275 -5.66 14.65 8.55
C MET F 275 -6.27 15.67 9.50
N ARG F 276 -5.52 16.71 9.83
CA ARG F 276 -6.07 17.78 10.67
C ARG F 276 -7.24 18.46 9.99
N ARG F 277 -7.06 18.86 8.73
CA ARG F 277 -8.16 19.44 7.99
C ARG F 277 -9.26 18.42 7.72
N THR F 278 -8.89 17.16 7.51
CA THR F 278 -9.91 16.12 7.36
C THR F 278 -10.85 16.12 8.56
N VAL F 279 -10.27 16.04 9.76
CA VAL F 279 -11.08 15.98 10.97
C VAL F 279 -11.86 17.27 11.17
N VAL F 280 -11.22 18.43 10.96
CA VAL F 280 -11.91 19.68 11.22
C VAL F 280 -13.09 19.86 10.28
N VAL F 281 -12.90 19.54 8.99
CA VAL F 281 -13.96 19.73 8.02
C VAL F 281 -15.08 18.72 8.26
N LEU F 282 -14.73 17.47 8.59
CA LEU F 282 -15.77 16.50 8.90
C LEU F 282 -16.57 16.92 10.12
N THR F 283 -15.89 17.41 11.16
CA THR F 283 -16.59 17.84 12.37
C THR F 283 -17.49 19.04 12.08
N VAL F 284 -16.99 20.01 11.33
CA VAL F 284 -17.82 21.17 10.98
C VAL F 284 -19.03 20.73 10.18
N ILE F 285 -18.83 19.88 9.17
CA ILE F 285 -19.98 19.51 8.35
C ILE F 285 -20.99 18.74 9.20
N TRP F 286 -20.54 17.78 10.01
CA TRP F 286 -21.51 17.00 10.77
C TRP F 286 -22.18 17.84 11.85
N THR F 287 -21.47 18.81 12.44
CA THR F 287 -22.10 19.71 13.39
C THR F 287 -23.16 20.56 12.71
N PHE F 288 -22.86 21.08 11.52
CA PHE F 288 -23.86 21.79 10.75
C PHE F 288 -25.03 20.88 10.42
N CYS F 289 -24.74 19.63 10.03
CA CYS F 289 -25.79 18.70 9.68
C CYS F 289 -26.73 18.46 10.85
N THR F 290 -26.19 18.16 12.02
CA THR F 290 -27.04 17.91 13.19
C THR F 290 -27.79 19.18 13.60
N GLY F 291 -27.12 20.33 13.58
CA GLY F 291 -27.77 21.56 13.99
C GLY F 291 -28.96 21.89 13.11
N THR F 292 -28.77 21.85 11.80
CA THR F 292 -29.88 22.14 10.92
C THR F 292 -30.87 20.99 10.81
N GLY F 293 -30.49 19.77 11.19
CA GLY F 293 -31.48 18.73 11.35
C GLY F 293 -32.42 19.03 12.49
N ILE F 294 -31.87 19.45 13.63
CA ILE F 294 -32.70 19.91 14.73
C ILE F 294 -33.58 21.06 14.26
N THR F 295 -32.97 22.04 13.58
CA THR F 295 -33.71 23.22 13.15
C THR F 295 -34.86 22.84 12.20
N MET F 296 -34.61 21.92 11.27
CA MET F 296 -35.57 21.58 10.25
C MET F 296 -36.56 20.52 10.70
N VAL F 297 -36.36 19.92 11.87
CA VAL F 297 -37.35 18.96 12.37
C VAL F 297 -38.24 19.61 13.41
N ILE F 298 -37.69 20.54 14.18
CA ILE F 298 -38.54 21.28 15.12
C ILE F 298 -39.23 22.43 14.42
N PHE F 299 -38.50 23.21 13.63
CA PHE F 299 -39.11 24.23 12.77
C PHE F 299 -39.34 23.69 11.36
N SER F 300 -40.01 22.54 11.27
CA SER F 300 -40.03 21.79 10.02
C SER F 300 -40.97 22.39 9.00
N HIS F 301 -42.26 22.40 9.30
CA HIS F 301 -43.29 22.62 8.29
C HIS F 301 -43.47 24.08 7.91
N HIS F 302 -42.51 24.94 8.26
CA HIS F 302 -42.53 26.31 7.76
C HIS F 302 -42.01 26.35 6.34
N VAL F 303 -42.50 27.33 5.56
CA VAL F 303 -42.14 27.41 4.15
C VAL F 303 -40.64 27.61 3.96
N PRO F 304 -39.99 28.56 4.63
CA PRO F 304 -38.54 28.74 4.40
C PRO F 304 -37.72 27.50 4.72
N THR F 305 -38.13 26.70 5.71
CA THR F 305 -37.42 25.46 5.98
C THR F 305 -37.48 24.52 4.78
N VAL F 306 -38.66 24.37 4.19
CA VAL F 306 -38.79 23.55 2.99
C VAL F 306 -37.95 24.13 1.87
N ILE F 307 -37.96 25.45 1.73
CA ILE F 307 -37.20 26.10 0.67
C ILE F 307 -35.72 25.76 0.81
N THR F 308 -35.18 25.88 2.01
CA THR F 308 -33.75 25.65 2.21
C THR F 308 -33.39 24.18 2.02
N PHE F 309 -34.17 23.27 2.61
CA PHE F 309 -33.86 21.85 2.45
C PHE F 309 -33.96 21.43 0.99
N THR F 310 -35.00 21.90 0.29
CA THR F 310 -35.12 21.67 -1.13
C THR F 310 -33.90 22.19 -1.88
N SER F 311 -33.50 23.43 -1.59
CA SER F 311 -32.44 24.06 -2.36
C SER F 311 -31.09 23.41 -2.14
N LEU F 312 -30.88 22.79 -0.98
CA LEU F 312 -29.62 22.09 -0.77
C LEU F 312 -29.42 20.97 -1.77
N PHE F 313 -30.50 20.45 -2.37
CA PHE F 313 -30.34 19.42 -3.40
C PHE F 313 -29.80 20.01 -4.69
N PRO F 314 -30.49 20.91 -5.39
CA PRO F 314 -29.97 21.38 -6.68
C PRO F 314 -28.64 22.10 -6.57
N LEU F 315 -28.42 22.85 -5.50
CA LEU F 315 -27.17 23.63 -5.42
C LEU F 315 -25.98 22.71 -5.21
N MET F 316 -26.12 21.71 -4.32
CA MET F 316 -25.04 20.73 -4.17
C MET F 316 -24.90 19.86 -5.40
N LEU F 317 -26.00 19.59 -6.11
CA LEU F 317 -25.92 18.81 -7.34
C LEU F 317 -25.13 19.56 -8.40
N VAL F 318 -25.38 20.87 -8.55
CA VAL F 318 -24.62 21.65 -9.52
C VAL F 318 -23.17 21.79 -9.07
N PHE F 319 -22.92 21.84 -7.76
CA PHE F 319 -21.53 21.80 -7.30
C PHE F 319 -20.85 20.51 -7.71
N ILE F 320 -21.49 19.38 -7.45
CA ILE F 320 -20.92 18.08 -7.78
C ILE F 320 -20.69 17.99 -9.29
N LEU F 321 -21.63 18.52 -10.08
CA LEU F 321 -21.44 18.57 -11.52
C LEU F 321 -20.24 19.43 -11.90
N CYS F 322 -20.17 20.65 -11.37
CA CYS F 322 -19.06 21.52 -11.72
C CYS F 322 -17.73 20.87 -11.40
N LEU F 323 -17.69 20.01 -10.39
CA LEU F 323 -16.44 19.31 -10.06
C LEU F 323 -16.20 18.14 -10.99
N TYR F 324 -17.17 17.23 -11.10
CA TYR F 324 -16.96 15.99 -11.84
C TYR F 324 -16.81 16.23 -13.34
N VAL F 325 -17.55 17.19 -13.89
CA VAL F 325 -17.42 17.48 -15.31
C VAL F 325 -16.06 18.09 -15.61
N HIS F 326 -15.54 18.91 -14.70
CA HIS F 326 -14.19 19.44 -14.89
C HIS F 326 -13.16 18.32 -14.86
N MET F 327 -13.32 17.39 -13.91
CA MET F 327 -12.42 16.23 -13.88
C MET F 327 -12.55 15.40 -15.16
N PHE F 328 -13.76 15.28 -15.69
CA PHE F 328 -13.97 14.54 -16.93
C PHE F 328 -13.29 15.24 -18.10
N LEU F 329 -13.35 16.56 -18.15
CA LEU F 329 -12.67 17.29 -19.21
C LEU F 329 -11.16 17.14 -19.10
N LEU F 330 -10.63 17.13 -17.88
CA LEU F 330 -9.21 16.86 -17.71
C LEU F 330 -8.86 15.45 -18.16
N ALA F 331 -9.72 14.48 -17.88
CA ALA F 331 -9.50 13.13 -18.35
C ALA F 331 -9.50 13.07 -19.86
N ARG F 332 -10.40 13.83 -20.50
CA ARG F 332 -10.38 13.95 -21.95
C ARG F 332 -9.05 14.50 -22.44
N SER F 333 -8.57 15.56 -21.79
CA SER F 333 -7.28 16.13 -22.16
C SER F 333 -6.17 15.09 -22.09
N HIS F 334 -6.17 14.29 -21.03
CA HIS F 334 -5.17 13.23 -20.92
C HIS F 334 -5.35 12.18 -22.02
N THR F 335 -6.60 11.82 -22.32
CA THR F 335 -6.85 10.85 -23.38
C THR F 335 -6.34 11.35 -24.72
N ARG F 336 -6.33 12.67 -24.92
CA ARG F 336 -5.76 13.22 -26.15
C ARG F 336 -4.29 12.84 -26.27
N LYS F 337 -3.55 12.89 -25.16
CA LYS F 337 -2.12 12.63 -25.20
C LYS F 337 -1.79 11.15 -25.06
N ILE F 338 -2.68 10.36 -24.46
CA ILE F 338 -2.40 8.94 -24.25
C ILE F 338 -2.36 8.20 -25.58
N SER F 339 -3.34 8.43 -26.44
CA SER F 339 -3.44 7.73 -27.71
C SER F 339 -3.87 8.69 -28.80
N THR F 340 -3.57 8.32 -30.04
CA THR F 340 -3.82 9.20 -31.18
C THR F 340 -5.28 9.20 -31.53
N LEU F 341 -5.96 8.07 -31.48
CA LEU F 341 -7.36 7.98 -31.90
C LEU F 341 -8.23 8.81 -31.00
N PRO F 342 -9.46 9.22 -31.57
CA PRO F 342 -10.34 10.01 -30.71
C PRO F 342 -10.69 9.27 -29.41
N ARG F 343 -11.11 8.02 -29.54
CA ARG F 343 -11.31 7.15 -28.39
C ARG F 343 -12.10 7.87 -27.30
N ALA F 344 -13.34 8.21 -27.61
CA ALA F 344 -14.22 8.78 -26.61
C ALA F 344 -14.44 7.78 -25.49
N ASN F 345 -13.96 8.12 -24.30
CA ASN F 345 -14.00 7.19 -23.18
C ASN F 345 -15.41 6.92 -22.72
N MET F 346 -15.64 5.70 -22.23
CA MET F 346 -16.94 5.26 -21.75
C MET F 346 -16.99 5.13 -20.24
N LYS F 347 -15.91 4.64 -19.61
CA LYS F 347 -15.95 4.43 -18.17
C LYS F 347 -16.04 5.74 -17.42
N GLY F 348 -15.54 6.83 -17.99
CA GLY F 348 -15.71 8.13 -17.35
C GLY F 348 -17.15 8.62 -17.42
N ALA F 349 -17.72 8.61 -18.63
CA ALA F 349 -19.11 9.02 -18.78
C ALA F 349 -20.03 8.09 -18.02
N ILE F 350 -19.80 6.79 -18.12
CA ILE F 350 -20.64 5.84 -17.38
C ILE F 350 -20.51 6.07 -15.89
N THR F 351 -19.31 6.38 -15.41
CA THR F 351 -19.10 6.57 -13.97
C THR F 351 -19.83 7.81 -13.50
N LEU F 352 -19.66 8.94 -14.20
CA LEU F 352 -20.37 10.15 -13.79
C LEU F 352 -21.87 9.96 -13.88
N THR F 353 -22.34 9.28 -14.94
CA THR F 353 -23.77 9.05 -15.07
C THR F 353 -24.29 8.20 -13.92
N ILE F 354 -23.56 7.15 -13.53
CA ILE F 354 -24.01 6.32 -12.43
C ILE F 354 -24.06 7.13 -11.15
N LEU F 355 -23.00 7.90 -10.86
CA LEU F 355 -22.97 8.67 -9.62
C LEU F 355 -24.13 9.66 -9.58
N LEU F 356 -24.28 10.48 -10.62
CA LEU F 356 -25.29 11.52 -10.61
C LEU F 356 -26.70 10.95 -10.70
N GLY F 357 -26.89 9.83 -11.40
CA GLY F 357 -28.19 9.22 -11.47
C GLY F 357 -28.60 8.56 -10.17
N VAL F 358 -27.66 7.96 -9.46
CA VAL F 358 -27.97 7.47 -8.12
C VAL F 358 -28.31 8.63 -7.21
N PHE F 359 -27.56 9.73 -7.30
CA PHE F 359 -27.84 10.88 -6.46
C PHE F 359 -29.22 11.46 -6.74
N ILE F 360 -29.58 11.56 -8.03
CA ILE F 360 -30.82 12.24 -8.41
C ILE F 360 -32.03 11.32 -8.20
N PHE F 361 -31.95 10.10 -8.74
CA PHE F 361 -33.07 9.18 -8.60
C PHE F 361 -33.36 8.87 -7.14
N CYS F 362 -32.36 8.97 -6.27
CA CYS F 362 -32.54 8.72 -4.85
C CYS F 362 -32.80 9.98 -4.05
N TRP F 363 -32.84 11.13 -4.68
CA TRP F 363 -33.22 12.35 -3.95
C TRP F 363 -34.31 13.14 -4.63
N ALA F 364 -34.32 13.18 -5.97
CA ALA F 364 -35.28 14.00 -6.67
C ALA F 364 -36.73 13.67 -6.33
N PRO F 365 -37.14 12.40 -6.25
CA PRO F 365 -38.54 12.13 -5.91
C PRO F 365 -38.95 12.69 -4.56
N PHE F 366 -38.12 12.52 -3.53
CA PHE F 366 -38.46 13.04 -2.22
C PHE F 366 -38.52 14.56 -2.21
N VAL F 367 -37.57 15.20 -2.89
CA VAL F 367 -37.56 16.66 -2.94
C VAL F 367 -38.81 17.17 -3.65
N LEU F 368 -39.19 16.52 -4.74
CA LEU F 368 -40.42 16.90 -5.43
C LEU F 368 -41.63 16.73 -4.54
N HIS F 369 -41.70 15.61 -3.80
CA HIS F 369 -42.82 15.40 -2.91
C HIS F 369 -42.89 16.50 -1.86
N VAL F 370 -41.76 16.86 -1.27
CA VAL F 370 -41.75 17.91 -0.25
C VAL F 370 -42.21 19.23 -0.86
N LEU F 371 -41.71 19.57 -2.05
CA LEU F 371 -42.07 20.82 -2.67
C LEU F 371 -43.57 20.86 -2.96
N LEU F 372 -44.13 19.78 -3.49
CA LEU F 372 -45.54 19.76 -3.81
C LEU F 372 -46.40 19.79 -2.56
N MET F 373 -45.94 19.15 -1.48
CA MET F 373 -46.70 19.19 -0.23
C MET F 373 -46.69 20.59 0.34
N THR F 374 -45.61 21.34 0.13
CA THR F 374 -45.51 22.67 0.72
C THR F 374 -46.23 23.74 -0.10
N PHE F 375 -46.08 23.72 -1.41
CA PHE F 375 -46.64 24.81 -2.20
C PHE F 375 -47.95 24.51 -2.88
N CYS F 376 -48.35 23.25 -2.90
CA CYS F 376 -49.54 22.91 -3.68
C CYS F 376 -50.19 21.62 -3.19
N PRO F 377 -50.69 21.58 -1.95
CA PRO F 377 -51.41 20.38 -1.50
C PRO F 377 -52.76 20.18 -2.17
N SER F 378 -53.29 21.19 -2.85
CA SER F 378 -54.67 21.18 -3.29
C SER F 378 -54.89 20.67 -4.71
N ASN F 379 -53.88 20.76 -5.57
CA ASN F 379 -54.07 20.36 -6.97
C ASN F 379 -54.22 18.85 -7.03
N PRO F 380 -55.22 18.33 -7.76
CA PRO F 380 -55.39 16.86 -7.80
C PRO F 380 -54.17 16.11 -8.29
N TYR F 381 -53.50 16.58 -9.34
CA TYR F 381 -52.34 15.86 -9.86
C TYR F 381 -51.26 15.75 -8.79
N CYS F 382 -51.04 16.87 -8.13
CA CYS F 382 -50.07 16.97 -7.03
C CYS F 382 -50.41 15.87 -6.05
N ALA F 383 -51.62 15.93 -5.55
CA ALA F 383 -52.08 14.98 -4.55
C ALA F 383 -51.84 13.54 -5.02
N CYS F 384 -51.98 13.26 -6.32
CA CYS F 384 -51.65 11.90 -6.81
C CYS F 384 -50.15 11.64 -6.75
N TYR F 385 -49.33 12.67 -6.91
CA TYR F 385 -47.90 12.46 -6.69
C TYR F 385 -47.60 12.19 -5.23
N MET F 386 -48.22 12.97 -4.33
CA MET F 386 -47.98 12.75 -2.91
C MET F 386 -48.44 11.38 -2.45
N SER F 387 -49.39 10.78 -3.16
CA SER F 387 -49.83 9.44 -2.79
C SER F 387 -48.70 8.43 -2.83
N LEU F 388 -47.63 8.74 -3.57
CA LEU F 388 -46.48 7.84 -3.71
C LEU F 388 -45.35 8.19 -2.76
N PHE F 389 -45.67 8.74 -1.58
CA PHE F 389 -44.61 9.20 -0.69
C PHE F 389 -43.74 8.06 -0.20
N GLN F 390 -44.33 6.92 0.12
CA GLN F 390 -43.56 5.82 0.67
C GLN F 390 -42.60 5.24 -0.36
N VAL F 391 -43.00 5.23 -1.64
CA VAL F 391 -42.07 4.81 -2.68
C VAL F 391 -40.90 5.78 -2.80
N ASN F 392 -41.18 7.09 -2.74
CA ASN F 392 -40.11 8.06 -2.79
C ASN F 392 -39.20 7.94 -1.57
N GLY F 393 -39.74 7.58 -0.41
CA GLY F 393 -38.89 7.29 0.72
C GLY F 393 -38.00 6.09 0.48
N MET F 394 -38.59 4.99 -0.02
CA MET F 394 -37.79 3.84 -0.39
C MET F 394 -36.65 4.26 -1.30
N LEU F 395 -36.92 5.18 -2.23
CA LEU F 395 -35.87 5.65 -3.13
C LEU F 395 -34.81 6.46 -2.39
N ILE F 396 -35.23 7.37 -1.51
CA ILE F 396 -34.26 8.13 -0.72
C ILE F 396 -33.53 7.24 0.26
N MET F 397 -33.87 5.94 0.29
CA MET F 397 -33.21 4.97 1.17
C MET F 397 -32.32 4.05 0.36
N CYS F 398 -32.71 3.71 -0.87
CA CYS F 398 -31.84 2.93 -1.73
C CYS F 398 -30.48 3.58 -1.88
N ASN F 399 -30.38 4.88 -1.62
CA ASN F 399 -29.08 5.55 -1.63
C ASN F 399 -28.13 4.90 -0.64
N ALA F 400 -28.61 4.62 0.57
CA ALA F 400 -27.76 3.96 1.56
C ALA F 400 -27.23 2.64 1.03
N VAL F 401 -28.08 1.85 0.39
CA VAL F 401 -27.65 0.56 -0.12
C VAL F 401 -26.73 0.73 -1.32
N ILE F 402 -27.05 1.68 -2.20
CA ILE F 402 -26.34 1.82 -3.46
C ILE F 402 -25.25 2.88 -3.40
N ASP F 403 -25.00 3.48 -2.23
CA ASP F 403 -23.91 4.43 -2.09
C ASP F 403 -22.58 3.69 -2.00
N PRO F 404 -22.45 2.69 -1.12
CA PRO F 404 -21.15 1.99 -1.03
C PRO F 404 -20.71 1.34 -2.32
N PHE F 405 -21.64 0.79 -3.10
CA PHE F 405 -21.28 0.16 -4.36
C PHE F 405 -20.68 1.14 -5.35
N ILE F 406 -20.86 2.44 -5.15
CA ILE F 406 -20.41 3.44 -6.12
C ILE F 406 -19.32 4.34 -5.57
N TYR F 407 -19.01 4.29 -4.29
CA TYR F 407 -18.00 5.17 -3.72
C TYR F 407 -16.95 4.39 -2.92
N ALA F 408 -17.38 3.32 -2.25
CA ALA F 408 -16.50 2.57 -1.37
C ALA F 408 -15.87 1.37 -2.06
N PHE F 409 -16.68 0.49 -2.63
CA PHE F 409 -16.17 -0.76 -3.17
C PHE F 409 -15.42 -0.58 -4.47
N ARG F 410 -15.67 0.49 -5.21
CA ARG F 410 -14.93 0.70 -6.45
C ARG F 410 -13.45 0.99 -6.20
N SER F 411 -13.06 1.25 -4.95
CA SER F 411 -11.66 1.30 -4.59
C SER F 411 -11.15 -0.12 -4.40
N PRO F 412 -10.10 -0.55 -5.12
CA PRO F 412 -9.64 -1.94 -4.95
C PRO F 412 -9.17 -2.24 -3.53
N GLU F 413 -8.59 -1.25 -2.85
CA GLU F 413 -8.09 -1.48 -1.50
C GLU F 413 -9.22 -1.83 -0.55
N LEU F 414 -10.37 -1.16 -0.69
CA LEU F 414 -11.52 -1.48 0.16
C LEU F 414 -12.03 -2.88 -0.13
N ARG F 415 -12.06 -3.28 -1.41
CA ARG F 415 -12.41 -4.65 -1.73
C ARG F 415 -11.47 -5.63 -1.03
N ASP F 416 -10.16 -5.36 -1.08
CA ASP F 416 -9.20 -6.23 -0.43
C ASP F 416 -9.42 -6.28 1.08
N ALA F 417 -9.74 -5.13 1.68
CA ALA F 417 -10.00 -5.11 3.12
C ALA F 417 -11.21 -5.97 3.45
N PHE F 418 -12.28 -5.88 2.65
CA PHE F 418 -13.44 -6.72 2.87
C PHE F 418 -13.09 -8.19 2.70
N LYS F 419 -12.27 -8.52 1.71
CA LYS F 419 -11.84 -9.91 1.51
C LYS F 419 -11.12 -10.42 2.74
N LYS F 420 -10.29 -9.57 3.35
CA LYS F 420 -9.61 -10.13 4.52
C LYS F 420 -10.54 -10.21 5.70
N MET F 421 -11.53 -9.32 5.68
CA MET F 421 -12.52 -9.49 6.74
C MET F 421 -13.15 -10.86 6.68
N ILE F 422 -13.44 -11.35 5.51
CA ILE F 422 -14.01 -12.68 5.31
C ILE F 422 -12.97 -13.75 5.58
#